data_4CU2
# 
_entry.id   4CU2 
# 
_audit_conform.dict_name       mmcif_pdbx.dic 
_audit_conform.dict_version    5.391 
_audit_conform.dict_location   http://mmcif.pdb.org/dictionaries/ascii/mmcif_pdbx.dic 
# 
loop_
_database_2.database_id 
_database_2.database_code 
_database_2.pdbx_database_accession 
_database_2.pdbx_DOI 
PDB   4CU2         pdb_00004cu2 10.2210/pdb4cu2/pdb 
PDBE  EBI-60042    ?            ?                   
WWPDB D_1290060042 ?            ?                   
# 
loop_
_pdbx_audit_revision_history.ordinal 
_pdbx_audit_revision_history.data_content_type 
_pdbx_audit_revision_history.major_revision 
_pdbx_audit_revision_history.minor_revision 
_pdbx_audit_revision_history.revision_date 
1 'Structure model' 1 0 2014-08-06 
2 'Structure model' 1 1 2014-12-17 
3 'Structure model' 1 2 2018-03-07 
4 'Structure model' 1 3 2024-05-01 
# 
_pdbx_audit_revision_details.ordinal             1 
_pdbx_audit_revision_details.revision_ordinal    1 
_pdbx_audit_revision_details.data_content_type   'Structure model' 
_pdbx_audit_revision_details.provider            repository 
_pdbx_audit_revision_details.type                'Initial release' 
_pdbx_audit_revision_details.description         ? 
_pdbx_audit_revision_details.details             ? 
# 
loop_
_pdbx_audit_revision_group.ordinal 
_pdbx_audit_revision_group.revision_ordinal 
_pdbx_audit_revision_group.data_content_type 
_pdbx_audit_revision_group.group 
1 2 'Structure model' 'Data collection'        
2 3 'Structure model' 'Data collection'        
3 3 'Structure model' 'Source and taxonomy'    
4 4 'Structure model' 'Data collection'        
5 4 'Structure model' 'Database references'    
6 4 'Structure model' Other                    
7 4 'Structure model' 'Refinement description' 
# 
loop_
_pdbx_audit_revision_category.ordinal 
_pdbx_audit_revision_category.revision_ordinal 
_pdbx_audit_revision_category.data_content_type 
_pdbx_audit_revision_category.category 
1 3 'Structure model' diffrn_source                 
2 3 'Structure model' entity_src_gen                
3 4 'Structure model' chem_comp_atom                
4 4 'Structure model' chem_comp_bond                
5 4 'Structure model' database_2                    
6 4 'Structure model' pdbx_database_status          
7 4 'Structure model' pdbx_initial_refinement_model 
# 
loop_
_pdbx_audit_revision_item.ordinal 
_pdbx_audit_revision_item.revision_ordinal 
_pdbx_audit_revision_item.data_content_type 
_pdbx_audit_revision_item.item 
1 3 'Structure model' '_diffrn_source.pdbx_synchrotron_site'          
2 3 'Structure model' '_entity_src_gen.pdbx_gene_src_scientific_name' 
3 3 'Structure model' '_entity_src_gen.pdbx_host_org_scientific_name' 
4 3 'Structure model' '_entity_src_gen.pdbx_host_org_strain'          
5 4 'Structure model' '_database_2.pdbx_DOI'                          
6 4 'Structure model' '_database_2.pdbx_database_accession'           
7 4 'Structure model' '_pdbx_database_status.status_code_sf'          
# 
_pdbx_database_status.status_code                     REL 
_pdbx_database_status.entry_id                        4CU2 
_pdbx_database_status.deposit_site                    PDBE 
_pdbx_database_status.process_site                    PDBE 
_pdbx_database_status.SG_entry                        . 
_pdbx_database_status.recvd_initial_deposition_date   2014-03-16 
_pdbx_database_status.pdb_format_compatible           Y 
_pdbx_database_status.status_code_sf                  REL 
_pdbx_database_status.status_code_mr                  ? 
_pdbx_database_status.status_code_cs                  ? 
_pdbx_database_status.methods_development_category    ? 
_pdbx_database_status.status_code_nmr_data            ? 
# 
_pdbx_database_related.db_name        PDB 
_pdbx_database_related.db_id          4CU5 
_pdbx_database_related.content_type   unspecified 
_pdbx_database_related.details        'C-TERMINAL DOMAIN OF ENDOLYSIN FROM PHAGE CD27L IS A TRIGGER AND RELEASE FACTOR' 
# 
loop_
_audit_author.name 
_audit_author.pdbx_ordinal 
'Dunne, M.'       1  
'Mertens, H.D.T.' 2  
'Garefalaki, V.'  3  
'Jeffries, C.M.'  4  
'Thompson, A.'    5  
'Lemke, E.A.'     6  
'Svergun, D.I.'   7  
'Mayer, M.J.'     8  
'Narbad, A.'      9  
'Meijers, R.'     10 
# 
_citation.id                        primary 
_citation.title                     
'The Cd27L and Ctp1L Endolysins Targeting Clostridia Contain a Built-in Trigger and Release Factor.' 
_citation.journal_abbrev            'Plos Pathog.' 
_citation.journal_volume            10 
_citation.page_first                04228 
_citation.page_last                 ? 
_citation.year                      2014 
_citation.journal_id_ASTM           ? 
_citation.country                   US 
_citation.journal_id_ISSN           1553-7366 
_citation.journal_id_CSD            ? 
_citation.book_publisher            ? 
_citation.pdbx_database_id_PubMed   25058163 
_citation.pdbx_database_id_DOI      10.1371/JOURNAL.PPAT.1004228 
# 
loop_
_citation_author.citation_id 
_citation_author.name 
_citation_author.ordinal 
_citation_author.identifier_ORCID 
primary 'Dunne, M.'       1  ? 
primary 'Mertens, H.D.T.' 2  ? 
primary 'Garefalaki, V.'  3  ? 
primary 'Jeffries, C.M.'  4  ? 
primary 'Thompson, A.'    5  ? 
primary 'Lemke, E.A.'     6  ? 
primary 'Svergun, D.I.'   7  ? 
primary 'Mayer, M.J.'     8  ? 
primary 'Narbad, A.'      9  ? 
primary 'Meijers, R.'     10 ? 
# 
loop_
_entity.id 
_entity.type 
_entity.src_method 
_entity.pdbx_description 
_entity.formula_weight 
_entity.pdbx_number_of_molecules 
_entity.pdbx_ec 
_entity.pdbx_mutation 
_entity.pdbx_fragment 
_entity.details 
1 polymer man ENDOLYSIN 8997.040 1  ? YES 'C-TERMINAL DOMAIN, RESIDUES 195-274' ? 
2 water   nat water     18.015   87 ? ?   ?                                     ? 
# 
_entity_poly.entity_id                      1 
_entity_poly.type                           'polypeptide(L)' 
_entity_poly.nstd_linkage                   no 
_entity_poly.nstd_monomer                   no 
_entity_poly.pdbx_seq_one_letter_code       PENLVVYNDGADQRAAEYLADRLACPTINNARKFDYSNVKNVYAVGGNKEQYTSYLTTLIAGSTRYTTMQAVLDYIKNLK 
_entity_poly.pdbx_seq_one_letter_code_can   PENLVVYNDGADQRAAEYLADRLACPTINNARKFDYSNVKNVYAVGGNKEQYTSYLTTLIAGSTRYTTMQAVLDYIKNLK 
_entity_poly.pdbx_strand_id                 A 
_entity_poly.pdbx_target_identifier         ? 
# 
_pdbx_entity_nonpoly.entity_id   2 
_pdbx_entity_nonpoly.name        water 
_pdbx_entity_nonpoly.comp_id     HOH 
# 
loop_
_entity_poly_seq.entity_id 
_entity_poly_seq.num 
_entity_poly_seq.mon_id 
_entity_poly_seq.hetero 
1 1  PRO n 
1 2  GLU n 
1 3  ASN n 
1 4  LEU n 
1 5  VAL n 
1 6  VAL n 
1 7  TYR n 
1 8  ASN n 
1 9  ASP n 
1 10 GLY n 
1 11 ALA n 
1 12 ASP n 
1 13 GLN n 
1 14 ARG n 
1 15 ALA n 
1 16 ALA n 
1 17 GLU n 
1 18 TYR n 
1 19 LEU n 
1 20 ALA n 
1 21 ASP n 
1 22 ARG n 
1 23 LEU n 
1 24 ALA n 
1 25 CYS n 
1 26 PRO n 
1 27 THR n 
1 28 ILE n 
1 29 ASN n 
1 30 ASN n 
1 31 ALA n 
1 32 ARG n 
1 33 LYS n 
1 34 PHE n 
1 35 ASP n 
1 36 TYR n 
1 37 SER n 
1 38 ASN n 
1 39 VAL n 
1 40 LYS n 
1 41 ASN n 
1 42 VAL n 
1 43 TYR n 
1 44 ALA n 
1 45 VAL n 
1 46 GLY n 
1 47 GLY n 
1 48 ASN n 
1 49 LYS n 
1 50 GLU n 
1 51 GLN n 
1 52 TYR n 
1 53 THR n 
1 54 SER n 
1 55 TYR n 
1 56 LEU n 
1 57 THR n 
1 58 THR n 
1 59 LEU n 
1 60 ILE n 
1 61 ALA n 
1 62 GLY n 
1 63 SER n 
1 64 THR n 
1 65 ARG n 
1 66 TYR n 
1 67 THR n 
1 68 THR n 
1 69 MET n 
1 70 GLN n 
1 71 ALA n 
1 72 VAL n 
1 73 LEU n 
1 74 ASP n 
1 75 TYR n 
1 76 ILE n 
1 77 LYS n 
1 78 ASN n 
1 79 LEU n 
1 80 LYS n 
# 
_entity_src_gen.entity_id                          1 
_entity_src_gen.pdbx_src_id                        1 
_entity_src_gen.pdbx_alt_source_flag               sample 
_entity_src_gen.pdbx_seq_type                      ? 
_entity_src_gen.pdbx_beg_seq_num                   ? 
_entity_src_gen.pdbx_end_seq_num                   ? 
_entity_src_gen.gene_src_common_name               ? 
_entity_src_gen.gene_src_genus                     ? 
_entity_src_gen.pdbx_gene_src_gene                 ? 
_entity_src_gen.gene_src_species                   ? 
_entity_src_gen.gene_src_strain                    ? 
_entity_src_gen.gene_src_tissue                    ? 
_entity_src_gen.gene_src_tissue_fraction           ? 
_entity_src_gen.gene_src_details                   ? 
_entity_src_gen.pdbx_gene_src_fragment             ? 
_entity_src_gen.pdbx_gene_src_scientific_name      'Clostridium phage phiCTP1' 
_entity_src_gen.pdbx_gene_src_ncbi_taxonomy_id     871584 
_entity_src_gen.pdbx_gene_src_variant              ? 
_entity_src_gen.pdbx_gene_src_cell_line            ? 
_entity_src_gen.pdbx_gene_src_atcc                 ? 
_entity_src_gen.pdbx_gene_src_organ                ? 
_entity_src_gen.pdbx_gene_src_organelle            ? 
_entity_src_gen.pdbx_gene_src_cell                 ? 
_entity_src_gen.pdbx_gene_src_cellular_location    ? 
_entity_src_gen.host_org_common_name               ? 
_entity_src_gen.pdbx_host_org_scientific_name      'Escherichia coli BL21(DE3)' 
_entity_src_gen.pdbx_host_org_ncbi_taxonomy_id     469008 
_entity_src_gen.host_org_genus                     ? 
_entity_src_gen.pdbx_host_org_gene                 ? 
_entity_src_gen.pdbx_host_org_organ                ? 
_entity_src_gen.host_org_species                   ? 
_entity_src_gen.pdbx_host_org_tissue               ? 
_entity_src_gen.pdbx_host_org_tissue_fraction      ? 
_entity_src_gen.pdbx_host_org_strain               ? 
_entity_src_gen.pdbx_host_org_variant              ? 
_entity_src_gen.pdbx_host_org_cell_line            ? 
_entity_src_gen.pdbx_host_org_atcc                 ? 
_entity_src_gen.pdbx_host_org_culture_collection   ? 
_entity_src_gen.pdbx_host_org_cell                 ? 
_entity_src_gen.pdbx_host_org_organelle            ? 
_entity_src_gen.pdbx_host_org_cellular_location    ? 
_entity_src_gen.pdbx_host_org_vector_type          PLASMID 
_entity_src_gen.pdbx_host_org_vector               PET15 
_entity_src_gen.host_org_details                   ? 
_entity_src_gen.expression_system_id               ? 
_entity_src_gen.plasmid_name                       ? 
_entity_src_gen.plasmid_details                    ? 
_entity_src_gen.pdbx_description                   ? 
# 
loop_
_chem_comp.id 
_chem_comp.type 
_chem_comp.mon_nstd_flag 
_chem_comp.name 
_chem_comp.pdbx_synonyms 
_chem_comp.formula 
_chem_comp.formula_weight 
ALA 'L-peptide linking' y ALANINE         ? 'C3 H7 N O2'     89.093  
ARG 'L-peptide linking' y ARGININE        ? 'C6 H15 N4 O2 1' 175.209 
ASN 'L-peptide linking' y ASPARAGINE      ? 'C4 H8 N2 O3'    132.118 
ASP 'L-peptide linking' y 'ASPARTIC ACID' ? 'C4 H7 N O4'     133.103 
CYS 'L-peptide linking' y CYSTEINE        ? 'C3 H7 N O2 S'   121.158 
GLN 'L-peptide linking' y GLUTAMINE       ? 'C5 H10 N2 O3'   146.144 
GLU 'L-peptide linking' y 'GLUTAMIC ACID' ? 'C5 H9 N O4'     147.129 
GLY 'peptide linking'   y GLYCINE         ? 'C2 H5 N O2'     75.067  
HOH non-polymer         . WATER           ? 'H2 O'           18.015  
ILE 'L-peptide linking' y ISOLEUCINE      ? 'C6 H13 N O2'    131.173 
LEU 'L-peptide linking' y LEUCINE         ? 'C6 H13 N O2'    131.173 
LYS 'L-peptide linking' y LYSINE          ? 'C6 H15 N2 O2 1' 147.195 
MET 'L-peptide linking' y METHIONINE      ? 'C5 H11 N O2 S'  149.211 
PHE 'L-peptide linking' y PHENYLALANINE   ? 'C9 H11 N O2'    165.189 
PRO 'L-peptide linking' y PROLINE         ? 'C5 H9 N O2'     115.130 
SER 'L-peptide linking' y SERINE          ? 'C3 H7 N O3'     105.093 
THR 'L-peptide linking' y THREONINE       ? 'C4 H9 N O3'     119.119 
TYR 'L-peptide linking' y TYROSINE        ? 'C9 H11 N O3'    181.189 
VAL 'L-peptide linking' y VALINE          ? 'C5 H11 N O2'    117.146 
# 
loop_
_pdbx_poly_seq_scheme.asym_id 
_pdbx_poly_seq_scheme.entity_id 
_pdbx_poly_seq_scheme.seq_id 
_pdbx_poly_seq_scheme.mon_id 
_pdbx_poly_seq_scheme.ndb_seq_num 
_pdbx_poly_seq_scheme.pdb_seq_num 
_pdbx_poly_seq_scheme.auth_seq_num 
_pdbx_poly_seq_scheme.pdb_mon_id 
_pdbx_poly_seq_scheme.auth_mon_id 
_pdbx_poly_seq_scheme.pdb_strand_id 
_pdbx_poly_seq_scheme.pdb_ins_code 
_pdbx_poly_seq_scheme.hetero 
A 1 1  PRO 1  195 195 PRO PRO A . n 
A 1 2  GLU 2  196 196 GLU GLU A . n 
A 1 3  ASN 3  197 197 ASN ASN A . n 
A 1 4  LEU 4  198 198 LEU LEU A . n 
A 1 5  VAL 5  199 199 VAL VAL A . n 
A 1 6  VAL 6  200 200 VAL VAL A . n 
A 1 7  TYR 7  201 201 TYR TYR A . n 
A 1 8  ASN 8  202 202 ASN ASN A . n 
A 1 9  ASP 9  203 203 ASP ASP A . n 
A 1 10 GLY 10 204 204 GLY GLY A . n 
A 1 11 ALA 11 205 205 ALA ALA A . n 
A 1 12 ASP 12 206 206 ASP ASP A . n 
A 1 13 GLN 13 207 207 GLN GLN A . n 
A 1 14 ARG 14 208 208 ARG ARG A . n 
A 1 15 ALA 15 209 209 ALA ALA A . n 
A 1 16 ALA 16 210 210 ALA ALA A . n 
A 1 17 GLU 17 211 211 GLU GLU A . n 
A 1 18 TYR 18 212 212 TYR TYR A . n 
A 1 19 LEU 19 213 213 LEU LEU A . n 
A 1 20 ALA 20 214 214 ALA ALA A . n 
A 1 21 ASP 21 215 215 ASP ASP A . n 
A 1 22 ARG 22 216 216 ARG ARG A . n 
A 1 23 LEU 23 217 217 LEU LEU A . n 
A 1 24 ALA 24 218 218 ALA ALA A . n 
A 1 25 CYS 25 219 219 CYS CYS A . n 
A 1 26 PRO 26 220 220 PRO PRO A . n 
A 1 27 THR 27 221 221 THR THR A . n 
A 1 28 ILE 28 222 222 ILE ILE A . n 
A 1 29 ASN 29 223 223 ASN ASN A . n 
A 1 30 ASN 30 224 224 ASN ASN A . n 
A 1 31 ALA 31 225 225 ALA ALA A . n 
A 1 32 ARG 32 226 226 ARG ARG A . n 
A 1 33 LYS 33 227 227 LYS LYS A . n 
A 1 34 PHE 34 228 228 PHE PHE A . n 
A 1 35 ASP 35 229 229 ASP ASP A . n 
A 1 36 TYR 36 230 230 TYR TYR A . n 
A 1 37 SER 37 231 231 SER SER A . n 
A 1 38 ASN 38 232 232 ASN ASN A . n 
A 1 39 VAL 39 233 233 VAL VAL A . n 
A 1 40 LYS 40 234 234 LYS LYS A . n 
A 1 41 ASN 41 235 235 ASN ASN A . n 
A 1 42 VAL 42 236 236 VAL VAL A . n 
A 1 43 TYR 43 237 237 TYR TYR A . n 
A 1 44 ALA 44 238 238 ALA ALA A . n 
A 1 45 VAL 45 239 239 VAL VAL A . n 
A 1 46 GLY 46 240 240 GLY GLY A . n 
A 1 47 GLY 47 241 241 GLY GLY A . n 
A 1 48 ASN 48 242 242 ASN ASN A . n 
A 1 49 LYS 49 243 243 LYS LYS A . n 
A 1 50 GLU 50 244 244 GLU GLU A . n 
A 1 51 GLN 51 245 245 GLN GLN A . n 
A 1 52 TYR 52 246 246 TYR TYR A . n 
A 1 53 THR 53 247 247 THR THR A . n 
A 1 54 SER 54 248 248 SER SER A . n 
A 1 55 TYR 55 249 249 TYR TYR A . n 
A 1 56 LEU 56 250 250 LEU LEU A . n 
A 1 57 THR 57 251 251 THR THR A . n 
A 1 58 THR 58 252 252 THR THR A . n 
A 1 59 LEU 59 253 253 LEU LEU A . n 
A 1 60 ILE 60 254 254 ILE ILE A . n 
A 1 61 ALA 61 255 255 ALA ALA A . n 
A 1 62 GLY 62 256 256 GLY GLY A . n 
A 1 63 SER 63 257 257 SER SER A . n 
A 1 64 THR 64 258 258 THR THR A . n 
A 1 65 ARG 65 259 259 ARG ARG A . n 
A 1 66 TYR 66 260 260 TYR TYR A . n 
A 1 67 THR 67 261 261 THR THR A . n 
A 1 68 THR 68 262 262 THR THR A . n 
A 1 69 MET 69 263 263 MET MET A . n 
A 1 70 GLN 70 264 264 GLN GLN A . n 
A 1 71 ALA 71 265 265 ALA ALA A . n 
A 1 72 VAL 72 266 266 VAL VAL A . n 
A 1 73 LEU 73 267 267 LEU LEU A . n 
A 1 74 ASP 74 268 268 ASP ASP A . n 
A 1 75 TYR 75 269 269 TYR TYR A . n 
A 1 76 ILE 76 270 270 ILE ILE A . n 
A 1 77 LYS 77 271 271 LYS LYS A . n 
A 1 78 ASN 78 272 272 ASN ASN A . n 
A 1 79 LEU 79 273 273 LEU LEU A . n 
A 1 80 LYS 80 274 274 LYS LYS A . n 
# 
loop_
_pdbx_nonpoly_scheme.asym_id 
_pdbx_nonpoly_scheme.entity_id 
_pdbx_nonpoly_scheme.mon_id 
_pdbx_nonpoly_scheme.ndb_seq_num 
_pdbx_nonpoly_scheme.pdb_seq_num 
_pdbx_nonpoly_scheme.auth_seq_num 
_pdbx_nonpoly_scheme.pdb_mon_id 
_pdbx_nonpoly_scheme.auth_mon_id 
_pdbx_nonpoly_scheme.pdb_strand_id 
_pdbx_nonpoly_scheme.pdb_ins_code 
B 2 HOH 1  2001 2001 HOH HOH A . 
B 2 HOH 2  2002 2002 HOH HOH A . 
B 2 HOH 3  2003 2003 HOH HOH A . 
B 2 HOH 4  2004 2004 HOH HOH A . 
B 2 HOH 5  2005 2005 HOH HOH A . 
B 2 HOH 6  2006 2006 HOH HOH A . 
B 2 HOH 7  2007 2007 HOH HOH A . 
B 2 HOH 8  2008 2008 HOH HOH A . 
B 2 HOH 9  2009 2009 HOH HOH A . 
B 2 HOH 10 2010 2010 HOH HOH A . 
B 2 HOH 11 2011 2011 HOH HOH A . 
B 2 HOH 12 2012 2012 HOH HOH A . 
B 2 HOH 13 2013 2013 HOH HOH A . 
B 2 HOH 14 2014 2014 HOH HOH A . 
B 2 HOH 15 2015 2015 HOH HOH A . 
B 2 HOH 16 2016 2016 HOH HOH A . 
B 2 HOH 17 2017 2017 HOH HOH A . 
B 2 HOH 18 2018 2018 HOH HOH A . 
B 2 HOH 19 2019 2019 HOH HOH A . 
B 2 HOH 20 2020 2020 HOH HOH A . 
B 2 HOH 21 2021 2021 HOH HOH A . 
B 2 HOH 22 2022 2022 HOH HOH A . 
B 2 HOH 23 2023 2023 HOH HOH A . 
B 2 HOH 24 2024 2024 HOH HOH A . 
B 2 HOH 25 2025 2025 HOH HOH A . 
B 2 HOH 26 2026 2026 HOH HOH A . 
B 2 HOH 27 2027 2027 HOH HOH A . 
B 2 HOH 28 2028 2028 HOH HOH A . 
B 2 HOH 29 2029 2029 HOH HOH A . 
B 2 HOH 30 2030 2030 HOH HOH A . 
B 2 HOH 31 2031 2031 HOH HOH A . 
B 2 HOH 32 2032 2032 HOH HOH A . 
B 2 HOH 33 2033 2033 HOH HOH A . 
B 2 HOH 34 2034 2034 HOH HOH A . 
B 2 HOH 35 2035 2035 HOH HOH A . 
B 2 HOH 36 2036 2036 HOH HOH A . 
B 2 HOH 37 2037 2037 HOH HOH A . 
B 2 HOH 38 2038 2038 HOH HOH A . 
B 2 HOH 39 2039 2039 HOH HOH A . 
B 2 HOH 40 2040 2040 HOH HOH A . 
B 2 HOH 41 2041 2041 HOH HOH A . 
B 2 HOH 42 2042 2042 HOH HOH A . 
B 2 HOH 43 2043 2043 HOH HOH A . 
B 2 HOH 44 2044 2044 HOH HOH A . 
B 2 HOH 45 2045 2045 HOH HOH A . 
B 2 HOH 46 2046 2046 HOH HOH A . 
B 2 HOH 47 2047 2047 HOH HOH A . 
B 2 HOH 48 2048 2048 HOH HOH A . 
B 2 HOH 49 2049 2049 HOH HOH A . 
B 2 HOH 50 2050 2050 HOH HOH A . 
B 2 HOH 51 2051 2051 HOH HOH A . 
B 2 HOH 52 2052 2052 HOH HOH A . 
B 2 HOH 53 2053 2053 HOH HOH A . 
B 2 HOH 54 2054 2054 HOH HOH A . 
B 2 HOH 55 2055 2055 HOH HOH A . 
B 2 HOH 56 2056 2056 HOH HOH A . 
B 2 HOH 57 2057 2057 HOH HOH A . 
B 2 HOH 58 2058 2058 HOH HOH A . 
B 2 HOH 59 2059 2059 HOH HOH A . 
B 2 HOH 60 2060 2060 HOH HOH A . 
B 2 HOH 61 2061 2061 HOH HOH A . 
B 2 HOH 62 2062 2062 HOH HOH A . 
B 2 HOH 63 2063 2063 HOH HOH A . 
B 2 HOH 64 2064 2064 HOH HOH A . 
B 2 HOH 65 2065 2065 HOH HOH A . 
B 2 HOH 66 2066 2066 HOH HOH A . 
B 2 HOH 67 2067 2067 HOH HOH A . 
B 2 HOH 68 2068 2068 HOH HOH A . 
B 2 HOH 69 2069 2069 HOH HOH A . 
B 2 HOH 70 2070 2070 HOH HOH A . 
B 2 HOH 71 2071 2071 HOH HOH A . 
B 2 HOH 72 2072 2072 HOH HOH A . 
B 2 HOH 73 2073 2073 HOH HOH A . 
B 2 HOH 74 2074 2074 HOH HOH A . 
B 2 HOH 75 2075 2075 HOH HOH A . 
B 2 HOH 76 2076 2076 HOH HOH A . 
B 2 HOH 77 2077 2077 HOH HOH A . 
B 2 HOH 78 2078 2078 HOH HOH A . 
B 2 HOH 79 2079 2079 HOH HOH A . 
B 2 HOH 80 2080 2080 HOH HOH A . 
B 2 HOH 81 2081 2081 HOH HOH A . 
B 2 HOH 82 2082 2082 HOH HOH A . 
B 2 HOH 83 2083 2083 HOH HOH A . 
B 2 HOH 84 2084 2084 HOH HOH A . 
B 2 HOH 85 2085 2085 HOH HOH A . 
B 2 HOH 86 2086 2086 HOH HOH A . 
B 2 HOH 87 2087 2087 HOH HOH A . 
# 
loop_
_software.name 
_software.classification 
_software.version 
_software.citation_id 
_software.pdbx_ordinal 
REFMAC    refinement       5.7.0029 ? 1 
DENZO     'data reduction' .        ? 2 
SCALEPACK 'data scaling'   .        ? 3 
MOLREP    phasing          .        ? 4 
# 
_cell.entry_id           4CU2 
_cell.length_a           44.932 
_cell.length_b           48.821 
_cell.length_c           77.226 
_cell.angle_alpha        90.00 
_cell.angle_beta         90.00 
_cell.angle_gamma        90.00 
_cell.Z_PDB              8 
_cell.pdbx_unique_axis   ? 
# 
_symmetry.entry_id                         4CU2 
_symmetry.space_group_name_H-M             'I 2 2 2' 
_symmetry.pdbx_full_space_group_name_H-M   ? 
_symmetry.cell_setting                     ? 
_symmetry.Int_Tables_number                23 
# 
_exptl.entry_id          4CU2 
_exptl.method            'X-RAY DIFFRACTION' 
_exptl.crystals_number   1 
# 
_exptl_crystal.id                    1 
_exptl_crystal.density_meas          ? 
_exptl_crystal.density_Matthews      2.4 
_exptl_crystal.density_percent_sol   48 
_exptl_crystal.description           
'THERE ARE ICE RINGS, AND THE DETECTOR GEOMETRY LIMITED HIGH RESOLUTION. BEAMLINE WAS UNDER COMMISSIONING.' 
# 
_exptl_crystal_grow.crystal_id      1 
_exptl_crystal_grow.method          ? 
_exptl_crystal_grow.temp            ? 
_exptl_crystal_grow.temp_details    ? 
_exptl_crystal_grow.pH              8 
_exptl_crystal_grow.pdbx_pH_range   ? 
_exptl_crystal_grow.pdbx_details    '20MM TRIS PH8.0 AND 6 % PEG 8000' 
# 
_diffrn.id                     1 
_diffrn.ambient_temp           100 
_diffrn.ambient_temp_details   ? 
_diffrn.crystal_id             1 
# 
_diffrn_detector.diffrn_id              1 
_diffrn_detector.detector               CCD 
_diffrn_detector.type                   'MARMOSAIC 225 mm CCD' 
_diffrn_detector.pdbx_collection_date   ? 
_diffrn_detector.details                'DIRECT BEAM (NO MIRRORS)' 
# 
_diffrn_radiation.diffrn_id                        1 
_diffrn_radiation.wavelength_id                    1 
_diffrn_radiation.pdbx_monochromatic_or_laue_m_l   M 
_diffrn_radiation.monochromator                    'SI 1 1 1' 
_diffrn_radiation.pdbx_diffrn_protocol             'SINGLE WAVELENGTH' 
_diffrn_radiation.pdbx_scattering_type             x-ray 
# 
_diffrn_radiation_wavelength.id           1 
_diffrn_radiation_wavelength.wavelength   1.223 
_diffrn_radiation_wavelength.wt           1.0 
# 
_diffrn_source.diffrn_id                   1 
_diffrn_source.source                      SYNCHROTRON 
_diffrn_source.type                        'PETRA III, EMBL c/o DESY BEAMLINE P14 (MX2)' 
_diffrn_source.pdbx_synchrotron_site       'PETRA III, EMBL c/o DESY' 
_diffrn_source.pdbx_synchrotron_beamline   'P14 (MX2)' 
_diffrn_source.pdbx_wavelength             1.223 
_diffrn_source.pdbx_wavelength_list        ? 
# 
_reflns.pdbx_diffrn_id               1 
_reflns.pdbx_ordinal                 1 
_reflns.entry_id                     4CU2 
_reflns.observed_criterion_sigma_I   0.0 
_reflns.observed_criterion_sigma_F   ? 
_reflns.d_resolution_low             20.00 
_reflns.d_resolution_high            2.10 
_reflns.number_obs                   4489 
_reflns.number_all                   ? 
_reflns.percent_possible_obs         92.0 
_reflns.pdbx_Rmerge_I_obs            0.02 
_reflns.pdbx_Rsym_value              ? 
_reflns.pdbx_netI_over_sigmaI        48.90 
_reflns.B_iso_Wilson_estimate        ? 
_reflns.pdbx_redundancy              5.7 
# 
_reflns_shell.pdbx_diffrn_id         1 
_reflns_shell.pdbx_ordinal           1 
_reflns_shell.d_res_high             2.10 
_reflns_shell.d_res_low              ? 
_reflns_shell.percent_possible_all   ? 
_reflns_shell.Rmerge_I_obs           ? 
_reflns_shell.pdbx_Rsym_value        ? 
_reflns_shell.meanI_over_sigI_obs    ? 
_reflns_shell.pdbx_redundancy        ? 
# 
_refine.pdbx_refine_id                           'X-RAY DIFFRACTION' 
_refine.entry_id                                 4CU2 
_refine.pdbx_diffrn_id                           1 
_refine.pdbx_TLS_residual_ADP_flag               ? 
_refine.ls_number_reflns_obs                     4489 
_refine.ls_number_reflns_all                     ? 
_refine.pdbx_ls_sigma_I                          ? 
_refine.pdbx_ls_sigma_F                          . 
_refine.pdbx_data_cutoff_high_absF               ? 
_refine.pdbx_data_cutoff_low_absF                ? 
_refine.pdbx_data_cutoff_high_rms_absF           ? 
_refine.ls_d_res_low                             16.54 
_refine.ls_d_res_high                            2.11 
_refine.ls_percent_reflns_obs                    91.03 
_refine.ls_R_factor_obs                          0.17617 
_refine.ls_R_factor_all                          ? 
_refine.ls_R_factor_R_work                       0.17217 
_refine.ls_R_factor_R_free                       0.26382 
_refine.ls_R_factor_R_free_error                 ? 
_refine.ls_R_factor_R_free_error_details         ? 
_refine.ls_percent_reflns_R_free                 4.7 
_refine.ls_number_reflns_R_free                  221 
_refine.ls_number_parameters                     ? 
_refine.ls_number_restraints                     ? 
_refine.occupancy_min                            ? 
_refine.occupancy_max                            ? 
_refine.correlation_coeff_Fo_to_Fc               0.952 
_refine.correlation_coeff_Fo_to_Fc_free          0.900 
_refine.B_iso_mean                               22.701 
_refine.aniso_B[1][1]                            3.18 
_refine.aniso_B[2][2]                            -1.06 
_refine.aniso_B[3][3]                            -2.12 
_refine.aniso_B[1][2]                            0.00 
_refine.aniso_B[1][3]                            0.00 
_refine.aniso_B[2][3]                            0.00 
_refine.solvent_model_details                    'BABINET MODEL WITH MASK' 
_refine.solvent_model_param_ksol                 ? 
_refine.solvent_model_param_bsol                 ? 
_refine.pdbx_solvent_vdw_probe_radii             1.20 
_refine.pdbx_solvent_ion_probe_radii             0.80 
_refine.pdbx_solvent_shrinkage_radii             0.80 
_refine.pdbx_ls_cross_valid_method               THROUGHOUT 
_refine.details                                  'HYDROGENS HAVE BEEN ADDED IN THE RIDING POSITIONS.' 
_refine.pdbx_starting_model                      'CD27L C-TERMINAL DOMAIN' 
_refine.pdbx_method_to_determine_struct          'MOLECULAR REPLACEMENT' 
_refine.pdbx_isotropic_thermal_model             ? 
_refine.pdbx_stereochemistry_target_values       'MAXIMUM LIKELIHOOD' 
_refine.pdbx_stereochem_target_val_spec_case     ? 
_refine.pdbx_R_Free_selection_details            RANDOM 
_refine.pdbx_overall_ESU_R                       0.262 
_refine.pdbx_overall_ESU_R_Free                  0.236 
_refine.overall_SU_ML                            0.143 
_refine.pdbx_overall_phase_error                 ? 
_refine.overall_SU_B                             5.669 
_refine.overall_SU_R_Cruickshank_DPI             ? 
_refine.pdbx_overall_SU_R_free_Cruickshank_DPI   ? 
_refine.pdbx_overall_SU_R_Blow_DPI               ? 
_refine.pdbx_overall_SU_R_free_Blow_DPI          ? 
# 
_refine_hist.pdbx_refine_id                   'X-RAY DIFFRACTION' 
_refine_hist.cycle_id                         LAST 
_refine_hist.pdbx_number_atoms_protein        633 
_refine_hist.pdbx_number_atoms_nucleic_acid   0 
_refine_hist.pdbx_number_atoms_ligand         0 
_refine_hist.number_atoms_solvent             87 
_refine_hist.number_atoms_total               720 
_refine_hist.d_res_high                       2.11 
_refine_hist.d_res_low                        16.54 
# 
loop_
_refine_ls_restr.type 
_refine_ls_restr.dev_ideal 
_refine_ls_restr.dev_ideal_target 
_refine_ls_restr.weight 
_refine_ls_restr.number 
_refine_ls_restr.pdbx_refine_id 
_refine_ls_restr.pdbx_restraint_function 
r_bond_refined_d             0.006  0.020  ? 657  'X-RAY DIFFRACTION' ? 
r_bond_other_d               0.001  0.020  ? 623  'X-RAY DIFFRACTION' ? 
r_angle_refined_deg          1.034  1.959  ? 896  'X-RAY DIFFRACTION' ? 
r_angle_other_deg            0.702  3.000  ? 1424 'X-RAY DIFFRACTION' ? 
r_dihedral_angle_1_deg       5.260  5.000  ? 83   'X-RAY DIFFRACTION' ? 
r_dihedral_angle_2_deg       40.653 24.688 ? 32   'X-RAY DIFFRACTION' ? 
r_dihedral_angle_3_deg       12.567 15.000 ? 109  'X-RAY DIFFRACTION' ? 
r_dihedral_angle_4_deg       22.338 15.000 ? 4    'X-RAY DIFFRACTION' ? 
r_chiral_restr               0.061  0.200  ? 103  'X-RAY DIFFRACTION' ? 
r_gen_planes_refined         0.003  0.020  ? 768  'X-RAY DIFFRACTION' ? 
r_gen_planes_other           0.001  0.020  ? 156  'X-RAY DIFFRACTION' ? 
r_nbd_refined                ?      ?      ? ?    'X-RAY DIFFRACTION' ? 
r_nbd_other                  ?      ?      ? ?    'X-RAY DIFFRACTION' ? 
r_nbtor_refined              ?      ?      ? ?    'X-RAY DIFFRACTION' ? 
r_nbtor_other                ?      ?      ? ?    'X-RAY DIFFRACTION' ? 
r_xyhbond_nbd_refined        ?      ?      ? ?    'X-RAY DIFFRACTION' ? 
r_xyhbond_nbd_other          ?      ?      ? ?    'X-RAY DIFFRACTION' ? 
r_metal_ion_refined          ?      ?      ? ?    'X-RAY DIFFRACTION' ? 
r_metal_ion_other            ?      ?      ? ?    'X-RAY DIFFRACTION' ? 
r_symmetry_vdw_refined       ?      ?      ? ?    'X-RAY DIFFRACTION' ? 
r_symmetry_vdw_other         ?      ?      ? ?    'X-RAY DIFFRACTION' ? 
r_symmetry_hbond_refined     ?      ?      ? ?    'X-RAY DIFFRACTION' ? 
r_symmetry_hbond_other       ?      ?      ? ?    'X-RAY DIFFRACTION' ? 
r_symmetry_metal_ion_refined ?      ?      ? ?    'X-RAY DIFFRACTION' ? 
r_symmetry_metal_ion_other   ?      ?      ? ?    'X-RAY DIFFRACTION' ? 
r_mcbond_it                  ?      ?      ? ?    'X-RAY DIFFRACTION' ? 
r_mcbond_other               ?      ?      ? ?    'X-RAY DIFFRACTION' ? 
r_mcangle_it                 ?      ?      ? ?    'X-RAY DIFFRACTION' ? 
r_mcangle_other              ?      ?      ? ?    'X-RAY DIFFRACTION' ? 
r_scbond_it                  ?      ?      ? ?    'X-RAY DIFFRACTION' ? 
r_scbond_other               ?      ?      ? ?    'X-RAY DIFFRACTION' ? 
r_scangle_it                 ?      ?      ? ?    'X-RAY DIFFRACTION' ? 
r_scangle_other              ?      ?      ? ?    'X-RAY DIFFRACTION' ? 
r_long_range_B_refined       ?      ?      ? ?    'X-RAY DIFFRACTION' ? 
r_long_range_B_other         ?      ?      ? ?    'X-RAY DIFFRACTION' ? 
r_rigid_bond_restr           ?      ?      ? ?    'X-RAY DIFFRACTION' ? 
r_sphericity_free            ?      ?      ? ?    'X-RAY DIFFRACTION' ? 
r_sphericity_bonded          ?      ?      ? ?    'X-RAY DIFFRACTION' ? 
# 
_refine_ls_shell.pdbx_refine_id                   'X-RAY DIFFRACTION' 
_refine_ls_shell.pdbx_total_number_of_bins_used   20 
_refine_ls_shell.d_res_high                       2.107 
_refine_ls_shell.d_res_low                        2.162 
_refine_ls_shell.number_reflns_R_work             340 
_refine_ls_shell.R_factor_R_work                  0.202 
_refine_ls_shell.percent_reflns_obs               96.99 
_refine_ls_shell.R_factor_R_free                  0.221 
_refine_ls_shell.R_factor_R_free_error            ? 
_refine_ls_shell.percent_reflns_R_free            ? 
_refine_ls_shell.number_reflns_R_free             14 
_refine_ls_shell.number_reflns_all                ? 
_refine_ls_shell.R_factor_all                     ? 
# 
_struct.entry_id                  4CU2 
_struct.title                     'C-terminal domain of CTP1L endolysin mutant V195P that reduces autoproteolysis' 
_struct.pdbx_model_details        ? 
_struct.pdbx_CASP_flag            ? 
_struct.pdbx_model_type_details   ? 
# 
_struct_keywords.entry_id        4CU2 
_struct_keywords.pdbx_keywords   HYDROLASE 
_struct_keywords.text            'HYDROLASE, BACTERIAL LYSIS, AUTOPROTEOLYSIS' 
# 
loop_
_struct_asym.id 
_struct_asym.pdbx_blank_PDB_chainid_flag 
_struct_asym.pdbx_modified 
_struct_asym.entity_id 
_struct_asym.details 
A N N 1 ? 
B N N 2 ? 
# 
_struct_ref.id                         1 
_struct_ref.db_name                    UNP 
_struct_ref.db_code                    D9ZNF3_9CAUD 
_struct_ref.entity_id                  1 
_struct_ref.pdbx_seq_one_letter_code   ? 
_struct_ref.pdbx_align_begin           ? 
_struct_ref.pdbx_db_accession          D9ZNF3 
_struct_ref.pdbx_db_isoform            ? 
# 
_struct_ref_seq.align_id                      1 
_struct_ref_seq.ref_id                        1 
_struct_ref_seq.pdbx_PDB_id_code              4CU2 
_struct_ref_seq.pdbx_strand_id                A 
_struct_ref_seq.seq_align_beg                 1 
_struct_ref_seq.pdbx_seq_align_beg_ins_code   ? 
_struct_ref_seq.seq_align_end                 80 
_struct_ref_seq.pdbx_seq_align_end_ins_code   ? 
_struct_ref_seq.pdbx_db_accession             D9ZNF3 
_struct_ref_seq.db_align_beg                  195 
_struct_ref_seq.pdbx_db_align_beg_ins_code    ? 
_struct_ref_seq.db_align_end                  274 
_struct_ref_seq.pdbx_db_align_end_ins_code    ? 
_struct_ref_seq.pdbx_auth_seq_align_beg       195 
_struct_ref_seq.pdbx_auth_seq_align_end       274 
# 
_struct_ref_seq_dif.align_id                     1 
_struct_ref_seq_dif.pdbx_pdb_id_code             4CU2 
_struct_ref_seq_dif.mon_id                       PRO 
_struct_ref_seq_dif.pdbx_pdb_strand_id           A 
_struct_ref_seq_dif.seq_num                      1 
_struct_ref_seq_dif.pdbx_pdb_ins_code            ? 
_struct_ref_seq_dif.pdbx_seq_db_name             UNP 
_struct_ref_seq_dif.pdbx_seq_db_accession_code   D9ZNF3 
_struct_ref_seq_dif.db_mon_id                    VAL 
_struct_ref_seq_dif.pdbx_seq_db_seq_num          195 
_struct_ref_seq_dif.details                      'engineered mutation' 
_struct_ref_seq_dif.pdbx_auth_seq_num            195 
_struct_ref_seq_dif.pdbx_ordinal                 1 
# 
_pdbx_struct_assembly.id                   1 
_pdbx_struct_assembly.details              author_and_software_defined_assembly 
_pdbx_struct_assembly.method_details       PISA 
_pdbx_struct_assembly.oligomeric_details   tetrameric 
_pdbx_struct_assembly.oligomeric_count     4 
# 
loop_
_pdbx_struct_assembly_prop.biol_id 
_pdbx_struct_assembly_prop.type 
_pdbx_struct_assembly_prop.value 
_pdbx_struct_assembly_prop.details 
1 'ABSA (A^2)' 5410  ? 
1 MORE         -11.9 ? 
1 'SSA (A^2)'  14860 ? 
# 
_pdbx_struct_assembly_gen.assembly_id       1 
_pdbx_struct_assembly_gen.oper_expression   1,2,3,4 
_pdbx_struct_assembly_gen.asym_id_list      A,B 
# 
loop_
_pdbx_struct_oper_list.id 
_pdbx_struct_oper_list.type 
_pdbx_struct_oper_list.name 
_pdbx_struct_oper_list.symmetry_operation 
_pdbx_struct_oper_list.matrix[1][1] 
_pdbx_struct_oper_list.matrix[1][2] 
_pdbx_struct_oper_list.matrix[1][3] 
_pdbx_struct_oper_list.vector[1] 
_pdbx_struct_oper_list.matrix[2][1] 
_pdbx_struct_oper_list.matrix[2][2] 
_pdbx_struct_oper_list.matrix[2][3] 
_pdbx_struct_oper_list.vector[2] 
_pdbx_struct_oper_list.matrix[3][1] 
_pdbx_struct_oper_list.matrix[3][2] 
_pdbx_struct_oper_list.matrix[3][3] 
_pdbx_struct_oper_list.vector[3] 
1 'identity operation'         1_555 x,y,z     1.0000000000  0.0000000000  0.0000000000  0.0000000000  0.0000000000  1.0000000000  0.0000000000  0.0000000000  0.0000000000  0.0000000000  1.0000000000  0.0000000000  
2 'crystal symmetry operation' 3_655 -x+1,y,-z -0.9989968541 -0.0333310748 0.0299052675  2.5566080097  -0.0333310748 0.1074764972  -0.9936487518 16.6277281011 0.0299052675  -0.9936487518 -0.1084796431 18.4467635543 
3 'crystal symmetry operation' 2_655 -x+1,-y,z -0.7681268141 -0.4237234898 -0.4800412499 9.8069419270  -0.4237234898 -0.2256905638 0.8772241296  16.0526239032 -0.4800412499 0.8772241296  -0.0061826220 -9.4323288956 
4 'crystal symmetry operation' 4_555 x,-y,-z   0.7671236682  0.4570545646  0.4501359824  -8.0576236506 0.4570545646  -0.8817859334 0.1164246222  27.3985538079 0.4501359824  0.1164246222  -0.8853377348 3.8125887437 
# 
_struct_biol.id   1 
# 
loop_
_struct_conf.conf_type_id 
_struct_conf.id 
_struct_conf.pdbx_PDB_helix_id 
_struct_conf.beg_label_comp_id 
_struct_conf.beg_label_asym_id 
_struct_conf.beg_label_seq_id 
_struct_conf.pdbx_beg_PDB_ins_code 
_struct_conf.end_label_comp_id 
_struct_conf.end_label_asym_id 
_struct_conf.end_label_seq_id 
_struct_conf.pdbx_end_PDB_ins_code 
_struct_conf.beg_auth_comp_id 
_struct_conf.beg_auth_asym_id 
_struct_conf.beg_auth_seq_id 
_struct_conf.end_auth_comp_id 
_struct_conf.end_auth_asym_id 
_struct_conf.end_auth_seq_id 
_struct_conf.pdbx_PDB_helix_class 
_struct_conf.details 
_struct_conf.pdbx_PDB_helix_length 
HELX_P HELX_P1 1 ALA A 11 ? ALA A 24 ? ALA A 205 ALA A 218 1 ? 14 
HELX_P HELX_P2 2 ASN A 48 ? TYR A 52 ? ASN A 242 TYR A 246 5 ? 5  
HELX_P HELX_P3 3 THR A 64 ? LEU A 79 ? THR A 258 LEU A 273 1 ? 16 
# 
_struct_conf_type.id          HELX_P 
_struct_conf_type.criteria    ? 
_struct_conf_type.reference   ? 
# 
_struct_sheet.id               AA 
_struct_sheet.type             ? 
_struct_sheet.number_strands   4 
_struct_sheet.details          ? 
# 
loop_
_struct_sheet_order.sheet_id 
_struct_sheet_order.range_id_1 
_struct_sheet_order.range_id_2 
_struct_sheet_order.offset 
_struct_sheet_order.sense 
AA 1 2 ? parallel 
AA 2 3 ? parallel 
AA 3 4 ? parallel 
# 
loop_
_struct_sheet_range.sheet_id 
_struct_sheet_range.id 
_struct_sheet_range.beg_label_comp_id 
_struct_sheet_range.beg_label_asym_id 
_struct_sheet_range.beg_label_seq_id 
_struct_sheet_range.pdbx_beg_PDB_ins_code 
_struct_sheet_range.end_label_comp_id 
_struct_sheet_range.end_label_asym_id 
_struct_sheet_range.end_label_seq_id 
_struct_sheet_range.pdbx_end_PDB_ins_code 
_struct_sheet_range.beg_auth_comp_id 
_struct_sheet_range.beg_auth_asym_id 
_struct_sheet_range.beg_auth_seq_id 
_struct_sheet_range.end_auth_comp_id 
_struct_sheet_range.end_auth_asym_id 
_struct_sheet_range.end_auth_seq_id 
AA 1 THR A 27 ? ASN A 29 ? THR A 221 ASN A 223 
AA 2 ASN A 3  ? TYR A 7  ? ASN A 197 TYR A 201 
AA 3 ASN A 41 ? VAL A 45 ? ASN A 235 VAL A 239 
AA 4 THR A 58 ? ILE A 60 ? THR A 252 ILE A 254 
# 
loop_
_pdbx_struct_sheet_hbond.sheet_id 
_pdbx_struct_sheet_hbond.range_id_1 
_pdbx_struct_sheet_hbond.range_id_2 
_pdbx_struct_sheet_hbond.range_1_label_atom_id 
_pdbx_struct_sheet_hbond.range_1_label_comp_id 
_pdbx_struct_sheet_hbond.range_1_label_asym_id 
_pdbx_struct_sheet_hbond.range_1_label_seq_id 
_pdbx_struct_sheet_hbond.range_1_PDB_ins_code 
_pdbx_struct_sheet_hbond.range_1_auth_atom_id 
_pdbx_struct_sheet_hbond.range_1_auth_comp_id 
_pdbx_struct_sheet_hbond.range_1_auth_asym_id 
_pdbx_struct_sheet_hbond.range_1_auth_seq_id 
_pdbx_struct_sheet_hbond.range_2_label_atom_id 
_pdbx_struct_sheet_hbond.range_2_label_comp_id 
_pdbx_struct_sheet_hbond.range_2_label_asym_id 
_pdbx_struct_sheet_hbond.range_2_label_seq_id 
_pdbx_struct_sheet_hbond.range_2_PDB_ins_code 
_pdbx_struct_sheet_hbond.range_2_auth_atom_id 
_pdbx_struct_sheet_hbond.range_2_auth_comp_id 
_pdbx_struct_sheet_hbond.range_2_auth_asym_id 
_pdbx_struct_sheet_hbond.range_2_auth_seq_id 
AA 1 2 N ILE A 28 ? N ILE A 222 O VAL A 5  ? O VAL A 199 
AA 2 3 N LEU A 4  ? N LEU A 198 O ASN A 41 ? O ASN A 235 
AA 3 4 N ALA A 44 ? N ALA A 238 O THR A 58 ? O THR A 252 
# 
loop_
_pdbx_struct_special_symmetry.id 
_pdbx_struct_special_symmetry.PDB_model_num 
_pdbx_struct_special_symmetry.auth_asym_id 
_pdbx_struct_special_symmetry.auth_comp_id 
_pdbx_struct_special_symmetry.auth_seq_id 
_pdbx_struct_special_symmetry.PDB_ins_code 
_pdbx_struct_special_symmetry.label_asym_id 
_pdbx_struct_special_symmetry.label_comp_id 
_pdbx_struct_special_symmetry.label_seq_id 
1 1 A HOH 2007 ? B HOH . 
2 1 A HOH 2008 ? B HOH . 
3 1 A HOH 2077 ? B HOH . 
# 
_pdbx_entry_details.entry_id                 4CU2 
_pdbx_entry_details.compound_details         ? 
_pdbx_entry_details.source_details           ? 
_pdbx_entry_details.nonpolymer_details       ? 
_pdbx_entry_details.sequence_details         'VAL195 HAS BEEN MUTATED TO A PROLINE TO REDUCE AUTOCLEAVAGE' 
_pdbx_entry_details.has_ligand_of_interest   ? 
# 
_pdbx_distant_solvent_atoms.id                                1 
_pdbx_distant_solvent_atoms.PDB_model_num                     1 
_pdbx_distant_solvent_atoms.auth_atom_id                      O 
_pdbx_distant_solvent_atoms.label_alt_id                      ? 
_pdbx_distant_solvent_atoms.auth_asym_id                      A 
_pdbx_distant_solvent_atoms.auth_comp_id                      HOH 
_pdbx_distant_solvent_atoms.auth_seq_id                       2010 
_pdbx_distant_solvent_atoms.PDB_ins_code                      ? 
_pdbx_distant_solvent_atoms.neighbor_macromolecule_distance   5.88 
_pdbx_distant_solvent_atoms.neighbor_ligand_distance          . 
# 
loop_
_chem_comp_atom.comp_id 
_chem_comp_atom.atom_id 
_chem_comp_atom.type_symbol 
_chem_comp_atom.pdbx_aromatic_flag 
_chem_comp_atom.pdbx_stereo_config 
_chem_comp_atom.pdbx_ordinal 
ALA N    N N N 1   
ALA CA   C N S 2   
ALA C    C N N 3   
ALA O    O N N 4   
ALA CB   C N N 5   
ALA OXT  O N N 6   
ALA H    H N N 7   
ALA H2   H N N 8   
ALA HA   H N N 9   
ALA HB1  H N N 10  
ALA HB2  H N N 11  
ALA HB3  H N N 12  
ALA HXT  H N N 13  
ARG N    N N N 14  
ARG CA   C N S 15  
ARG C    C N N 16  
ARG O    O N N 17  
ARG CB   C N N 18  
ARG CG   C N N 19  
ARG CD   C N N 20  
ARG NE   N N N 21  
ARG CZ   C N N 22  
ARG NH1  N N N 23  
ARG NH2  N N N 24  
ARG OXT  O N N 25  
ARG H    H N N 26  
ARG H2   H N N 27  
ARG HA   H N N 28  
ARG HB2  H N N 29  
ARG HB3  H N N 30  
ARG HG2  H N N 31  
ARG HG3  H N N 32  
ARG HD2  H N N 33  
ARG HD3  H N N 34  
ARG HE   H N N 35  
ARG HH11 H N N 36  
ARG HH12 H N N 37  
ARG HH21 H N N 38  
ARG HH22 H N N 39  
ARG HXT  H N N 40  
ASN N    N N N 41  
ASN CA   C N S 42  
ASN C    C N N 43  
ASN O    O N N 44  
ASN CB   C N N 45  
ASN CG   C N N 46  
ASN OD1  O N N 47  
ASN ND2  N N N 48  
ASN OXT  O N N 49  
ASN H    H N N 50  
ASN H2   H N N 51  
ASN HA   H N N 52  
ASN HB2  H N N 53  
ASN HB3  H N N 54  
ASN HD21 H N N 55  
ASN HD22 H N N 56  
ASN HXT  H N N 57  
ASP N    N N N 58  
ASP CA   C N S 59  
ASP C    C N N 60  
ASP O    O N N 61  
ASP CB   C N N 62  
ASP CG   C N N 63  
ASP OD1  O N N 64  
ASP OD2  O N N 65  
ASP OXT  O N N 66  
ASP H    H N N 67  
ASP H2   H N N 68  
ASP HA   H N N 69  
ASP HB2  H N N 70  
ASP HB3  H N N 71  
ASP HD2  H N N 72  
ASP HXT  H N N 73  
CYS N    N N N 74  
CYS CA   C N R 75  
CYS C    C N N 76  
CYS O    O N N 77  
CYS CB   C N N 78  
CYS SG   S N N 79  
CYS OXT  O N N 80  
CYS H    H N N 81  
CYS H2   H N N 82  
CYS HA   H N N 83  
CYS HB2  H N N 84  
CYS HB3  H N N 85  
CYS HG   H N N 86  
CYS HXT  H N N 87  
GLN N    N N N 88  
GLN CA   C N S 89  
GLN C    C N N 90  
GLN O    O N N 91  
GLN CB   C N N 92  
GLN CG   C N N 93  
GLN CD   C N N 94  
GLN OE1  O N N 95  
GLN NE2  N N N 96  
GLN OXT  O N N 97  
GLN H    H N N 98  
GLN H2   H N N 99  
GLN HA   H N N 100 
GLN HB2  H N N 101 
GLN HB3  H N N 102 
GLN HG2  H N N 103 
GLN HG3  H N N 104 
GLN HE21 H N N 105 
GLN HE22 H N N 106 
GLN HXT  H N N 107 
GLU N    N N N 108 
GLU CA   C N S 109 
GLU C    C N N 110 
GLU O    O N N 111 
GLU CB   C N N 112 
GLU CG   C N N 113 
GLU CD   C N N 114 
GLU OE1  O N N 115 
GLU OE2  O N N 116 
GLU OXT  O N N 117 
GLU H    H N N 118 
GLU H2   H N N 119 
GLU HA   H N N 120 
GLU HB2  H N N 121 
GLU HB3  H N N 122 
GLU HG2  H N N 123 
GLU HG3  H N N 124 
GLU HE2  H N N 125 
GLU HXT  H N N 126 
GLY N    N N N 127 
GLY CA   C N N 128 
GLY C    C N N 129 
GLY O    O N N 130 
GLY OXT  O N N 131 
GLY H    H N N 132 
GLY H2   H N N 133 
GLY HA2  H N N 134 
GLY HA3  H N N 135 
GLY HXT  H N N 136 
HOH O    O N N 137 
HOH H1   H N N 138 
HOH H2   H N N 139 
ILE N    N N N 140 
ILE CA   C N S 141 
ILE C    C N N 142 
ILE O    O N N 143 
ILE CB   C N S 144 
ILE CG1  C N N 145 
ILE CG2  C N N 146 
ILE CD1  C N N 147 
ILE OXT  O N N 148 
ILE H    H N N 149 
ILE H2   H N N 150 
ILE HA   H N N 151 
ILE HB   H N N 152 
ILE HG12 H N N 153 
ILE HG13 H N N 154 
ILE HG21 H N N 155 
ILE HG22 H N N 156 
ILE HG23 H N N 157 
ILE HD11 H N N 158 
ILE HD12 H N N 159 
ILE HD13 H N N 160 
ILE HXT  H N N 161 
LEU N    N N N 162 
LEU CA   C N S 163 
LEU C    C N N 164 
LEU O    O N N 165 
LEU CB   C N N 166 
LEU CG   C N N 167 
LEU CD1  C N N 168 
LEU CD2  C N N 169 
LEU OXT  O N N 170 
LEU H    H N N 171 
LEU H2   H N N 172 
LEU HA   H N N 173 
LEU HB2  H N N 174 
LEU HB3  H N N 175 
LEU HG   H N N 176 
LEU HD11 H N N 177 
LEU HD12 H N N 178 
LEU HD13 H N N 179 
LEU HD21 H N N 180 
LEU HD22 H N N 181 
LEU HD23 H N N 182 
LEU HXT  H N N 183 
LYS N    N N N 184 
LYS CA   C N S 185 
LYS C    C N N 186 
LYS O    O N N 187 
LYS CB   C N N 188 
LYS CG   C N N 189 
LYS CD   C N N 190 
LYS CE   C N N 191 
LYS NZ   N N N 192 
LYS OXT  O N N 193 
LYS H    H N N 194 
LYS H2   H N N 195 
LYS HA   H N N 196 
LYS HB2  H N N 197 
LYS HB3  H N N 198 
LYS HG2  H N N 199 
LYS HG3  H N N 200 
LYS HD2  H N N 201 
LYS HD3  H N N 202 
LYS HE2  H N N 203 
LYS HE3  H N N 204 
LYS HZ1  H N N 205 
LYS HZ2  H N N 206 
LYS HZ3  H N N 207 
LYS HXT  H N N 208 
MET N    N N N 209 
MET CA   C N S 210 
MET C    C N N 211 
MET O    O N N 212 
MET CB   C N N 213 
MET CG   C N N 214 
MET SD   S N N 215 
MET CE   C N N 216 
MET OXT  O N N 217 
MET H    H N N 218 
MET H2   H N N 219 
MET HA   H N N 220 
MET HB2  H N N 221 
MET HB3  H N N 222 
MET HG2  H N N 223 
MET HG3  H N N 224 
MET HE1  H N N 225 
MET HE2  H N N 226 
MET HE3  H N N 227 
MET HXT  H N N 228 
PHE N    N N N 229 
PHE CA   C N S 230 
PHE C    C N N 231 
PHE O    O N N 232 
PHE CB   C N N 233 
PHE CG   C Y N 234 
PHE CD1  C Y N 235 
PHE CD2  C Y N 236 
PHE CE1  C Y N 237 
PHE CE2  C Y N 238 
PHE CZ   C Y N 239 
PHE OXT  O N N 240 
PHE H    H N N 241 
PHE H2   H N N 242 
PHE HA   H N N 243 
PHE HB2  H N N 244 
PHE HB3  H N N 245 
PHE HD1  H N N 246 
PHE HD2  H N N 247 
PHE HE1  H N N 248 
PHE HE2  H N N 249 
PHE HZ   H N N 250 
PHE HXT  H N N 251 
PRO N    N N N 252 
PRO CA   C N S 253 
PRO C    C N N 254 
PRO O    O N N 255 
PRO CB   C N N 256 
PRO CG   C N N 257 
PRO CD   C N N 258 
PRO OXT  O N N 259 
PRO H    H N N 260 
PRO HA   H N N 261 
PRO HB2  H N N 262 
PRO HB3  H N N 263 
PRO HG2  H N N 264 
PRO HG3  H N N 265 
PRO HD2  H N N 266 
PRO HD3  H N N 267 
PRO HXT  H N N 268 
SER N    N N N 269 
SER CA   C N S 270 
SER C    C N N 271 
SER O    O N N 272 
SER CB   C N N 273 
SER OG   O N N 274 
SER OXT  O N N 275 
SER H    H N N 276 
SER H2   H N N 277 
SER HA   H N N 278 
SER HB2  H N N 279 
SER HB3  H N N 280 
SER HG   H N N 281 
SER HXT  H N N 282 
THR N    N N N 283 
THR CA   C N S 284 
THR C    C N N 285 
THR O    O N N 286 
THR CB   C N R 287 
THR OG1  O N N 288 
THR CG2  C N N 289 
THR OXT  O N N 290 
THR H    H N N 291 
THR H2   H N N 292 
THR HA   H N N 293 
THR HB   H N N 294 
THR HG1  H N N 295 
THR HG21 H N N 296 
THR HG22 H N N 297 
THR HG23 H N N 298 
THR HXT  H N N 299 
TYR N    N N N 300 
TYR CA   C N S 301 
TYR C    C N N 302 
TYR O    O N N 303 
TYR CB   C N N 304 
TYR CG   C Y N 305 
TYR CD1  C Y N 306 
TYR CD2  C Y N 307 
TYR CE1  C Y N 308 
TYR CE2  C Y N 309 
TYR CZ   C Y N 310 
TYR OH   O N N 311 
TYR OXT  O N N 312 
TYR H    H N N 313 
TYR H2   H N N 314 
TYR HA   H N N 315 
TYR HB2  H N N 316 
TYR HB3  H N N 317 
TYR HD1  H N N 318 
TYR HD2  H N N 319 
TYR HE1  H N N 320 
TYR HE2  H N N 321 
TYR HH   H N N 322 
TYR HXT  H N N 323 
VAL N    N N N 324 
VAL CA   C N S 325 
VAL C    C N N 326 
VAL O    O N N 327 
VAL CB   C N N 328 
VAL CG1  C N N 329 
VAL CG2  C N N 330 
VAL OXT  O N N 331 
VAL H    H N N 332 
VAL H2   H N N 333 
VAL HA   H N N 334 
VAL HB   H N N 335 
VAL HG11 H N N 336 
VAL HG12 H N N 337 
VAL HG13 H N N 338 
VAL HG21 H N N 339 
VAL HG22 H N N 340 
VAL HG23 H N N 341 
VAL HXT  H N N 342 
# 
loop_
_chem_comp_bond.comp_id 
_chem_comp_bond.atom_id_1 
_chem_comp_bond.atom_id_2 
_chem_comp_bond.value_order 
_chem_comp_bond.pdbx_aromatic_flag 
_chem_comp_bond.pdbx_stereo_config 
_chem_comp_bond.pdbx_ordinal 
ALA N   CA   sing N N 1   
ALA N   H    sing N N 2   
ALA N   H2   sing N N 3   
ALA CA  C    sing N N 4   
ALA CA  CB   sing N N 5   
ALA CA  HA   sing N N 6   
ALA C   O    doub N N 7   
ALA C   OXT  sing N N 8   
ALA CB  HB1  sing N N 9   
ALA CB  HB2  sing N N 10  
ALA CB  HB3  sing N N 11  
ALA OXT HXT  sing N N 12  
ARG N   CA   sing N N 13  
ARG N   H    sing N N 14  
ARG N   H2   sing N N 15  
ARG CA  C    sing N N 16  
ARG CA  CB   sing N N 17  
ARG CA  HA   sing N N 18  
ARG C   O    doub N N 19  
ARG C   OXT  sing N N 20  
ARG CB  CG   sing N N 21  
ARG CB  HB2  sing N N 22  
ARG CB  HB3  sing N N 23  
ARG CG  CD   sing N N 24  
ARG CG  HG2  sing N N 25  
ARG CG  HG3  sing N N 26  
ARG CD  NE   sing N N 27  
ARG CD  HD2  sing N N 28  
ARG CD  HD3  sing N N 29  
ARG NE  CZ   sing N N 30  
ARG NE  HE   sing N N 31  
ARG CZ  NH1  sing N N 32  
ARG CZ  NH2  doub N N 33  
ARG NH1 HH11 sing N N 34  
ARG NH1 HH12 sing N N 35  
ARG NH2 HH21 sing N N 36  
ARG NH2 HH22 sing N N 37  
ARG OXT HXT  sing N N 38  
ASN N   CA   sing N N 39  
ASN N   H    sing N N 40  
ASN N   H2   sing N N 41  
ASN CA  C    sing N N 42  
ASN CA  CB   sing N N 43  
ASN CA  HA   sing N N 44  
ASN C   O    doub N N 45  
ASN C   OXT  sing N N 46  
ASN CB  CG   sing N N 47  
ASN CB  HB2  sing N N 48  
ASN CB  HB3  sing N N 49  
ASN CG  OD1  doub N N 50  
ASN CG  ND2  sing N N 51  
ASN ND2 HD21 sing N N 52  
ASN ND2 HD22 sing N N 53  
ASN OXT HXT  sing N N 54  
ASP N   CA   sing N N 55  
ASP N   H    sing N N 56  
ASP N   H2   sing N N 57  
ASP CA  C    sing N N 58  
ASP CA  CB   sing N N 59  
ASP CA  HA   sing N N 60  
ASP C   O    doub N N 61  
ASP C   OXT  sing N N 62  
ASP CB  CG   sing N N 63  
ASP CB  HB2  sing N N 64  
ASP CB  HB3  sing N N 65  
ASP CG  OD1  doub N N 66  
ASP CG  OD2  sing N N 67  
ASP OD2 HD2  sing N N 68  
ASP OXT HXT  sing N N 69  
CYS N   CA   sing N N 70  
CYS N   H    sing N N 71  
CYS N   H2   sing N N 72  
CYS CA  C    sing N N 73  
CYS CA  CB   sing N N 74  
CYS CA  HA   sing N N 75  
CYS C   O    doub N N 76  
CYS C   OXT  sing N N 77  
CYS CB  SG   sing N N 78  
CYS CB  HB2  sing N N 79  
CYS CB  HB3  sing N N 80  
CYS SG  HG   sing N N 81  
CYS OXT HXT  sing N N 82  
GLN N   CA   sing N N 83  
GLN N   H    sing N N 84  
GLN N   H2   sing N N 85  
GLN CA  C    sing N N 86  
GLN CA  CB   sing N N 87  
GLN CA  HA   sing N N 88  
GLN C   O    doub N N 89  
GLN C   OXT  sing N N 90  
GLN CB  CG   sing N N 91  
GLN CB  HB2  sing N N 92  
GLN CB  HB3  sing N N 93  
GLN CG  CD   sing N N 94  
GLN CG  HG2  sing N N 95  
GLN CG  HG3  sing N N 96  
GLN CD  OE1  doub N N 97  
GLN CD  NE2  sing N N 98  
GLN NE2 HE21 sing N N 99  
GLN NE2 HE22 sing N N 100 
GLN OXT HXT  sing N N 101 
GLU N   CA   sing N N 102 
GLU N   H    sing N N 103 
GLU N   H2   sing N N 104 
GLU CA  C    sing N N 105 
GLU CA  CB   sing N N 106 
GLU CA  HA   sing N N 107 
GLU C   O    doub N N 108 
GLU C   OXT  sing N N 109 
GLU CB  CG   sing N N 110 
GLU CB  HB2  sing N N 111 
GLU CB  HB3  sing N N 112 
GLU CG  CD   sing N N 113 
GLU CG  HG2  sing N N 114 
GLU CG  HG3  sing N N 115 
GLU CD  OE1  doub N N 116 
GLU CD  OE2  sing N N 117 
GLU OE2 HE2  sing N N 118 
GLU OXT HXT  sing N N 119 
GLY N   CA   sing N N 120 
GLY N   H    sing N N 121 
GLY N   H2   sing N N 122 
GLY CA  C    sing N N 123 
GLY CA  HA2  sing N N 124 
GLY CA  HA3  sing N N 125 
GLY C   O    doub N N 126 
GLY C   OXT  sing N N 127 
GLY OXT HXT  sing N N 128 
HOH O   H1   sing N N 129 
HOH O   H2   sing N N 130 
ILE N   CA   sing N N 131 
ILE N   H    sing N N 132 
ILE N   H2   sing N N 133 
ILE CA  C    sing N N 134 
ILE CA  CB   sing N N 135 
ILE CA  HA   sing N N 136 
ILE C   O    doub N N 137 
ILE C   OXT  sing N N 138 
ILE CB  CG1  sing N N 139 
ILE CB  CG2  sing N N 140 
ILE CB  HB   sing N N 141 
ILE CG1 CD1  sing N N 142 
ILE CG1 HG12 sing N N 143 
ILE CG1 HG13 sing N N 144 
ILE CG2 HG21 sing N N 145 
ILE CG2 HG22 sing N N 146 
ILE CG2 HG23 sing N N 147 
ILE CD1 HD11 sing N N 148 
ILE CD1 HD12 sing N N 149 
ILE CD1 HD13 sing N N 150 
ILE OXT HXT  sing N N 151 
LEU N   CA   sing N N 152 
LEU N   H    sing N N 153 
LEU N   H2   sing N N 154 
LEU CA  C    sing N N 155 
LEU CA  CB   sing N N 156 
LEU CA  HA   sing N N 157 
LEU C   O    doub N N 158 
LEU C   OXT  sing N N 159 
LEU CB  CG   sing N N 160 
LEU CB  HB2  sing N N 161 
LEU CB  HB3  sing N N 162 
LEU CG  CD1  sing N N 163 
LEU CG  CD2  sing N N 164 
LEU CG  HG   sing N N 165 
LEU CD1 HD11 sing N N 166 
LEU CD1 HD12 sing N N 167 
LEU CD1 HD13 sing N N 168 
LEU CD2 HD21 sing N N 169 
LEU CD2 HD22 sing N N 170 
LEU CD2 HD23 sing N N 171 
LEU OXT HXT  sing N N 172 
LYS N   CA   sing N N 173 
LYS N   H    sing N N 174 
LYS N   H2   sing N N 175 
LYS CA  C    sing N N 176 
LYS CA  CB   sing N N 177 
LYS CA  HA   sing N N 178 
LYS C   O    doub N N 179 
LYS C   OXT  sing N N 180 
LYS CB  CG   sing N N 181 
LYS CB  HB2  sing N N 182 
LYS CB  HB3  sing N N 183 
LYS CG  CD   sing N N 184 
LYS CG  HG2  sing N N 185 
LYS CG  HG3  sing N N 186 
LYS CD  CE   sing N N 187 
LYS CD  HD2  sing N N 188 
LYS CD  HD3  sing N N 189 
LYS CE  NZ   sing N N 190 
LYS CE  HE2  sing N N 191 
LYS CE  HE3  sing N N 192 
LYS NZ  HZ1  sing N N 193 
LYS NZ  HZ2  sing N N 194 
LYS NZ  HZ3  sing N N 195 
LYS OXT HXT  sing N N 196 
MET N   CA   sing N N 197 
MET N   H    sing N N 198 
MET N   H2   sing N N 199 
MET CA  C    sing N N 200 
MET CA  CB   sing N N 201 
MET CA  HA   sing N N 202 
MET C   O    doub N N 203 
MET C   OXT  sing N N 204 
MET CB  CG   sing N N 205 
MET CB  HB2  sing N N 206 
MET CB  HB3  sing N N 207 
MET CG  SD   sing N N 208 
MET CG  HG2  sing N N 209 
MET CG  HG3  sing N N 210 
MET SD  CE   sing N N 211 
MET CE  HE1  sing N N 212 
MET CE  HE2  sing N N 213 
MET CE  HE3  sing N N 214 
MET OXT HXT  sing N N 215 
PHE N   CA   sing N N 216 
PHE N   H    sing N N 217 
PHE N   H2   sing N N 218 
PHE CA  C    sing N N 219 
PHE CA  CB   sing N N 220 
PHE CA  HA   sing N N 221 
PHE C   O    doub N N 222 
PHE C   OXT  sing N N 223 
PHE CB  CG   sing N N 224 
PHE CB  HB2  sing N N 225 
PHE CB  HB3  sing N N 226 
PHE CG  CD1  doub Y N 227 
PHE CG  CD2  sing Y N 228 
PHE CD1 CE1  sing Y N 229 
PHE CD1 HD1  sing N N 230 
PHE CD2 CE2  doub Y N 231 
PHE CD2 HD2  sing N N 232 
PHE CE1 CZ   doub Y N 233 
PHE CE1 HE1  sing N N 234 
PHE CE2 CZ   sing Y N 235 
PHE CE2 HE2  sing N N 236 
PHE CZ  HZ   sing N N 237 
PHE OXT HXT  sing N N 238 
PRO N   CA   sing N N 239 
PRO N   CD   sing N N 240 
PRO N   H    sing N N 241 
PRO CA  C    sing N N 242 
PRO CA  CB   sing N N 243 
PRO CA  HA   sing N N 244 
PRO C   O    doub N N 245 
PRO C   OXT  sing N N 246 
PRO CB  CG   sing N N 247 
PRO CB  HB2  sing N N 248 
PRO CB  HB3  sing N N 249 
PRO CG  CD   sing N N 250 
PRO CG  HG2  sing N N 251 
PRO CG  HG3  sing N N 252 
PRO CD  HD2  sing N N 253 
PRO CD  HD3  sing N N 254 
PRO OXT HXT  sing N N 255 
SER N   CA   sing N N 256 
SER N   H    sing N N 257 
SER N   H2   sing N N 258 
SER CA  C    sing N N 259 
SER CA  CB   sing N N 260 
SER CA  HA   sing N N 261 
SER C   O    doub N N 262 
SER C   OXT  sing N N 263 
SER CB  OG   sing N N 264 
SER CB  HB2  sing N N 265 
SER CB  HB3  sing N N 266 
SER OG  HG   sing N N 267 
SER OXT HXT  sing N N 268 
THR N   CA   sing N N 269 
THR N   H    sing N N 270 
THR N   H2   sing N N 271 
THR CA  C    sing N N 272 
THR CA  CB   sing N N 273 
THR CA  HA   sing N N 274 
THR C   O    doub N N 275 
THR C   OXT  sing N N 276 
THR CB  OG1  sing N N 277 
THR CB  CG2  sing N N 278 
THR CB  HB   sing N N 279 
THR OG1 HG1  sing N N 280 
THR CG2 HG21 sing N N 281 
THR CG2 HG22 sing N N 282 
THR CG2 HG23 sing N N 283 
THR OXT HXT  sing N N 284 
TYR N   CA   sing N N 285 
TYR N   H    sing N N 286 
TYR N   H2   sing N N 287 
TYR CA  C    sing N N 288 
TYR CA  CB   sing N N 289 
TYR CA  HA   sing N N 290 
TYR C   O    doub N N 291 
TYR C   OXT  sing N N 292 
TYR CB  CG   sing N N 293 
TYR CB  HB2  sing N N 294 
TYR CB  HB3  sing N N 295 
TYR CG  CD1  doub Y N 296 
TYR CG  CD2  sing Y N 297 
TYR CD1 CE1  sing Y N 298 
TYR CD1 HD1  sing N N 299 
TYR CD2 CE2  doub Y N 300 
TYR CD2 HD2  sing N N 301 
TYR CE1 CZ   doub Y N 302 
TYR CE1 HE1  sing N N 303 
TYR CE2 CZ   sing Y N 304 
TYR CE2 HE2  sing N N 305 
TYR CZ  OH   sing N N 306 
TYR OH  HH   sing N N 307 
TYR OXT HXT  sing N N 308 
VAL N   CA   sing N N 309 
VAL N   H    sing N N 310 
VAL N   H2   sing N N 311 
VAL CA  C    sing N N 312 
VAL CA  CB   sing N N 313 
VAL CA  HA   sing N N 314 
VAL C   O    doub N N 315 
VAL C   OXT  sing N N 316 
VAL CB  CG1  sing N N 317 
VAL CB  CG2  sing N N 318 
VAL CB  HB   sing N N 319 
VAL CG1 HG11 sing N N 320 
VAL CG1 HG12 sing N N 321 
VAL CG1 HG13 sing N N 322 
VAL CG2 HG21 sing N N 323 
VAL CG2 HG22 sing N N 324 
VAL CG2 HG23 sing N N 325 
VAL OXT HXT  sing N N 326 
# 
_pdbx_initial_refinement_model.accession_code   ? 
_pdbx_initial_refinement_model.id               1 
_pdbx_initial_refinement_model.entity_id_list   ? 
_pdbx_initial_refinement_model.type             other 
_pdbx_initial_refinement_model.source_name      ? 
_pdbx_initial_refinement_model.details          'CD27L C-TERMINAL DOMAIN' 
# 
_atom_sites.entry_id                    4CU2 
_atom_sites.fract_transf_matrix[1][1]   0.02092019 
_atom_sites.fract_transf_matrix[1][2]   0.00541086 
_atom_sites.fract_transf_matrix[1][3]   0.00532896 
_atom_sites.fract_transf_matrix[2][1]   0.00045873 
_atom_sites.fract_transf_matrix[2][2]   -0.01524214 
_atom_sites.fract_transf_matrix[2][3]   0.01367553 
_atom_sites.fract_transf_matrix[3][1]   0.00440906 
_atom_sites.fract_transf_matrix[3][2]   -0.00805710 
_atom_sites.fract_transf_matrix[3][3]   -0.00912798 
_atom_sites.fract_transf_vector[1]      0.379125 
_atom_sites.fract_transf_vector[2]      0.184585 
_atom_sites.fract_transf_vector[3]      0.145540 
# 
loop_
_atom_type.symbol 
C 
N 
O 
S 
# 
loop_
_atom_site.group_PDB 
_atom_site.id 
_atom_site.type_symbol 
_atom_site.label_atom_id 
_atom_site.label_alt_id 
_atom_site.label_comp_id 
_atom_site.label_asym_id 
_atom_site.label_entity_id 
_atom_site.label_seq_id 
_atom_site.pdbx_PDB_ins_code 
_atom_site.Cartn_x 
_atom_site.Cartn_y 
_atom_site.Cartn_z 
_atom_site.occupancy 
_atom_site.B_iso_or_equiv 
_atom_site.pdbx_formal_charge 
_atom_site.auth_seq_id 
_atom_site.auth_comp_id 
_atom_site.auth_asym_id 
_atom_site.auth_atom_id 
_atom_site.pdbx_PDB_model_num 
ATOM   1   N N   . PRO A 1 1  ? 8.738   -1.493  -10.827 1.00 60.11 ? 195  PRO A N   1 
ATOM   2   C CA  . PRO A 1 1  ? 8.971   -2.874  -11.239 1.00 59.79 ? 195  PRO A CA  1 
ATOM   3   C C   . PRO A 1 1  ? 9.606   -3.778  -10.190 1.00 56.16 ? 195  PRO A C   1 
ATOM   4   O O   . PRO A 1 1  ? 9.864   -4.949  -10.477 1.00 57.77 ? 195  PRO A O   1 
ATOM   5   C CB  . PRO A 1 1  ? 9.895   -2.708  -12.442 1.00 61.20 ? 195  PRO A CB  1 
ATOM   6   C CG  . PRO A 1 1  ? 9.433   -1.426  -13.063 1.00 61.15 ? 195  PRO A CG  1 
ATOM   7   C CD  . PRO A 1 1  ? 8.754   -0.594  -11.994 1.00 60.55 ? 195  PRO A CD  1 
ATOM   8   N N   . GLU A 1 2  ? 9.859   -3.238  -8.999  1.00 50.90 ? 196  GLU A N   1 
ATOM   9   C CA  . GLU A 1 2  ? 10.245  -4.031  -7.842  1.00 46.47 ? 196  GLU A CA  1 
ATOM   10  C C   . GLU A 1 2  ? 9.141   -3.879  -6.784  1.00 41.21 ? 196  GLU A C   1 
ATOM   11  O O   . GLU A 1 2  ? 8.437   -4.843  -6.480  1.00 39.98 ? 196  GLU A O   1 
ATOM   12  C CB  . GLU A 1 2  ? 11.620  -3.580  -7.332  1.00 47.71 ? 196  GLU A CB  1 
ATOM   13  C CG  . GLU A 1 2  ? 12.173  -4.351  -6.138  1.00 49.66 ? 196  GLU A CG  1 
ATOM   14  C CD  . GLU A 1 2  ? 12.310  -5.849  -6.371  1.00 50.37 ? 196  GLU A CD  1 
ATOM   15  O OE1 . GLU A 1 2  ? 12.485  -6.287  -7.533  1.00 50.88 ? 196  GLU A OE1 1 
ATOM   16  O OE2 . GLU A 1 2  ? 12.252  -6.592  -5.370  1.00 50.28 ? 196  GLU A OE2 1 
ATOM   17  N N   . ASN A 1 3  ? 8.972   -2.664  -6.265  1.00 35.08 ? 197  ASN A N   1 
ATOM   18  C CA  . ASN A 1 3  ? 7.957   -2.377  -5.251  1.00 31.11 ? 197  ASN A CA  1 
ATOM   19  C C   . ASN A 1 3  ? 7.196   -1.085  -5.561  1.00 27.71 ? 197  ASN A C   1 
ATOM   20  O O   . ASN A 1 3  ? 7.777   -0.116  -6.056  1.00 26.40 ? 197  ASN A O   1 
ATOM   21  C CB  . ASN A 1 3  ? 8.598   -2.241  -3.861  1.00 31.81 ? 197  ASN A CB  1 
ATOM   22  C CG  . ASN A 1 3  ? 9.219   -3.540  -3.355  1.00 31.66 ? 197  ASN A CG  1 
ATOM   23  O OD1 . ASN A 1 3  ? 8.535   -4.541  -3.184  1.00 30.40 ? 197  ASN A OD1 1 
ATOM   24  N ND2 . ASN A 1 3  ? 10.517  -3.510  -3.081  1.00 31.96 ? 197  ASN A ND2 1 
ATOM   25  N N   . LEU A 1 4  ? 5.901   -1.078  -5.248  1.00 23.85 ? 198  LEU A N   1 
ATOM   26  C CA  . LEU A 1 4  ? 5.065   0.121   -5.351  1.00 21.82 ? 198  LEU A CA  1 
ATOM   27  C C   . LEU A 1 4  ? 3.963   0.040   -4.298  1.00 20.46 ? 198  LEU A C   1 
ATOM   28  O O   . LEU A 1 4  ? 3.395   -1.032  -4.075  1.00 19.36 ? 198  LEU A O   1 
ATOM   29  C CB  . LEU A 1 4  ? 4.464   0.236   -6.751  1.00 21.56 ? 198  LEU A CB  1 
ATOM   30  C CG  . LEU A 1 4  ? 3.570   1.429   -7.088  1.00 21.65 ? 198  LEU A CG  1 
ATOM   31  C CD1 . LEU A 1 4  ? 4.290   2.762   -6.933  1.00 21.07 ? 198  LEU A CD1 1 
ATOM   32  C CD2 . LEU A 1 4  ? 3.017   1.275   -8.497  1.00 21.52 ? 198  LEU A CD2 1 
ATOM   33  N N   . VAL A 1 5  ? 3.687   1.169   -3.643  1.00 19.30 ? 199  VAL A N   1 
ATOM   34  C CA  . VAL A 1 5  ? 2.668   1.253   -2.594  1.00 18.47 ? 199  VAL A CA  1 
ATOM   35  C C   . VAL A 1 5  ? 1.534   2.148   -3.091  1.00 17.99 ? 199  VAL A C   1 
ATOM   36  O O   . VAL A 1 5  ? 1.768   3.275   -3.508  1.00 18.16 ? 199  VAL A O   1 
ATOM   37  C CB  . VAL A 1 5  ? 3.241   1.816   -1.263  1.00 18.05 ? 199  VAL A CB  1 
ATOM   38  C CG1 . VAL A 1 5  ? 2.174   1.796   -0.177  1.00 18.20 ? 199  VAL A CG1 1 
ATOM   39  C CG2 . VAL A 1 5  ? 4.459   1.020   -0.804  1.00 17.88 ? 199  VAL A CG2 1 
ATOM   40  N N   A VAL A 1 6  ? 0.308   1.646   -3.054  0.70 18.17 ? 200  VAL A N   1 
ATOM   41  N N   B VAL A 1 6  ? 0.309   1.630   -3.037  0.30 17.86 ? 200  VAL A N   1 
ATOM   42  C CA  A VAL A 1 6  ? -0.841  2.424   -3.517  0.70 17.76 ? 200  VAL A CA  1 
ATOM   43  C CA  B VAL A 1 6  ? -0.877  2.358   -3.483  0.30 17.50 ? 200  VAL A CA  1 
ATOM   44  C C   A VAL A 1 6  ? -1.775  2.713   -2.335  0.70 17.61 ? 200  VAL A C   1 
ATOM   45  C C   B VAL A 1 6  ? -1.736  2.738   -2.282  0.30 17.47 ? 200  VAL A C   1 
ATOM   46  O O   A VAL A 1 6  ? -1.877  1.921   -1.397  0.70 17.72 ? 200  VAL A O   1 
ATOM   47  O O   B VAL A 1 6  ? -1.773  2.016   -1.285  0.30 17.51 ? 200  VAL A O   1 
ATOM   48  C CB  A VAL A 1 6  ? -1.543  1.768   -4.750  0.70 17.97 ? 200  VAL A CB  1 
ATOM   49  C CB  B VAL A 1 6  ? -1.716  1.512   -4.459  0.30 17.41 ? 200  VAL A CB  1 
ATOM   50  C CG1 A VAL A 1 6  ? -1.696  0.262   -4.586  0.70 18.27 ? 200  VAL A CG1 1 
ATOM   51  C CG1 B VAL A 1 6  ? -2.791  2.365   -5.121  0.30 17.31 ? 200  VAL A CG1 1 
ATOM   52  C CG2 A VAL A 1 6  ? -2.887  2.425   -5.057  0.70 17.73 ? 200  VAL A CG2 1 
ATOM   53  C CG2 B VAL A 1 6  ? -0.825  0.868   -5.508  0.30 17.25 ? 200  VAL A CG2 1 
ATOM   54  N N   . TYR A 1 7  ? -2.412  3.881   -2.377  1.00 17.49 ? 201  TYR A N   1 
ATOM   55  C CA  . TYR A 1 7  ? -3.285  4.368   -1.311  1.00 17.32 ? 201  TYR A CA  1 
ATOM   56  C C   . TYR A 1 7  ? -4.425  5.190   -1.925  1.00 18.13 ? 201  TYR A C   1 
ATOM   57  O O   . TYR A 1 7  ? -4.326  5.646   -3.066  1.00 17.77 ? 201  TYR A O   1 
ATOM   58  C CB  . TYR A 1 7  ? -2.495  5.272   -0.361  1.00 16.49 ? 201  TYR A CB  1 
ATOM   59  C CG  . TYR A 1 7  ? -1.942  6.493   -1.062  1.00 15.80 ? 201  TYR A CG  1 
ATOM   60  C CD1 . TYR A 1 7  ? -2.689  7.669   -1.154  1.00 15.20 ? 201  TYR A CD1 1 
ATOM   61  C CD2 . TYR A 1 7  ? -0.678  6.469   -1.650  1.00 15.05 ? 201  TYR A CD2 1 
ATOM   62  C CE1 . TYR A 1 7  ? -2.190  8.780   -1.811  1.00 15.08 ? 201  TYR A CE1 1 
ATOM   63  C CE2 . TYR A 1 7  ? -0.175  7.579   -2.309  1.00 14.55 ? 201  TYR A CE2 1 
ATOM   64  C CZ  . TYR A 1 7  ? -0.930  8.728   -2.389  1.00 14.65 ? 201  TYR A CZ  1 
ATOM   65  O OH  . TYR A 1 7  ? -0.435  9.827   -3.048  1.00 14.40 ? 201  TYR A OH  1 
ATOM   66  N N   . ASN A 1 8  ? -5.492  5.389   -1.151  1.00 19.34 ? 202  ASN A N   1 
ATOM   67  C CA  . ASN A 1 8  ? -6.577  6.303   -1.526  1.00 20.45 ? 202  ASN A CA  1 
ATOM   68  C C   . ASN A 1 8  ? -6.443  7.610   -0.755  1.00 21.07 ? 202  ASN A C   1 
ATOM   69  O O   . ASN A 1 8  ? -5.863  7.628   0.334   1.00 20.39 ? 202  ASN A O   1 
ATOM   70  C CB  . ASN A 1 8  ? -7.932  5.674   -1.232  1.00 20.87 ? 202  ASN A CB  1 
ATOM   71  C CG  . ASN A 1 8  ? -8.148  4.380   -1.989  1.00 21.77 ? 202  ASN A CG  1 
ATOM   72  O OD1 . ASN A 1 8  ? -8.429  4.390   -3.192  1.00 22.50 ? 202  ASN A OD1 1 
ATOM   73  N ND2 . ASN A 1 8  ? -8.037  3.256   -1.286  1.00 21.93 ? 202  ASN A ND2 1 
ATOM   74  N N   . ASP A 1 9  ? -6.961  8.699   -1.333  1.00 21.87 ? 203  ASP A N   1 
ATOM   75  C CA  . ASP A 1 9  ? -6.935  10.028  -0.696  1.00 22.57 ? 203  ASP A CA  1 
ATOM   76  C C   . ASP A 1 9  ? -7.292  9.953   0.774   1.00 21.67 ? 203  ASP A C   1 
ATOM   77  O O   . ASP A 1 9  ? -8.244  9.273   1.139   1.00 22.26 ? 203  ASP A O   1 
ATOM   78  C CB  . ASP A 1 9  ? -7.962  10.962  -1.347  1.00 23.62 ? 203  ASP A CB  1 
ATOM   79  C CG  . ASP A 1 9  ? -7.403  11.767  -2.493  1.00 24.30 ? 203  ASP A CG  1 
ATOM   80  O OD1 . ASP A 1 9  ? -6.159  11.822  -2.701  1.00 25.19 ? 203  ASP A OD1 1 
ATOM   81  O OD2 . ASP A 1 9  ? -8.241  12.388  -3.175  1.00 24.58 ? 203  ASP A OD2 1 
ATOM   82  N N   . GLY A 1 10 ? -6.542  10.655  1.613   1.00 20.79 ? 204  GLY A N   1 
ATOM   83  C CA  . GLY A 1 10 ? -6.880  10.753  3.027   1.00 20.15 ? 204  GLY A CA  1 
ATOM   84  C C   . GLY A 1 10 ? -5.819  10.183  3.934   1.00 19.53 ? 204  GLY A C   1 
ATOM   85  O O   . GLY A 1 10 ? -4.635  10.171  3.592   1.00 19.30 ? 204  GLY A O   1 
ATOM   86  N N   . ALA A 1 11 ? -6.254  9.692   5.090   1.00 18.75 ? 205  ALA A N   1 
ATOM   87  C CA  . ALA A 1 11 ? -5.338  9.248   6.133   1.00 18.08 ? 205  ALA A CA  1 
ATOM   88  C C   . ALA A 1 11 ? -4.414  8.109   5.696   1.00 17.28 ? 205  ALA A C   1 
ATOM   89  O O   . ALA A 1 11 ? -3.280  8.024   6.160   1.00 16.47 ? 205  ALA A O   1 
ATOM   90  C CB  . ALA A 1 11 ? -6.114  8.848   7.379   1.00 18.20 ? 205  ALA A CB  1 
ATOM   91  N N   . ASP A 1 12 ? -4.880  7.247   4.797   1.00 16.58 ? 206  ASP A N   1 
ATOM   92  C CA  . ASP A 1 12 ? -4.097  6.077   4.400   1.00 16.38 ? 206  ASP A CA  1 
ATOM   93  C C   . ASP A 1 12 ? -2.786  6.426   3.686   1.00 16.00 ? 206  ASP A C   1 
ATOM   94  O O   . ASP A 1 12 ? -1.843  5.638   3.700   1.00 14.83 ? 206  ASP A O   1 
ATOM   95  C CB  . ASP A 1 12 ? -4.932  5.137   3.532   1.00 16.86 ? 206  ASP A CB  1 
ATOM   96  C CG  . ASP A 1 12 ? -6.070  4.485   4.301   1.00 17.13 ? 206  ASP A CG  1 
ATOM   97  O OD1 . ASP A 1 12 ? -5.931  4.239   5.512   1.00 17.36 ? 206  ASP A OD1 1 
ATOM   98  O OD2 . ASP A 1 12 ? -7.107  4.201   3.690   1.00 17.91 ? 206  ASP A OD2 1 
ATOM   99  N N   . GLN A 1 13 ? -2.726  7.600   3.063   1.00 16.01 ? 207  GLN A N   1 
ATOM   100 C CA  . GLN A 1 13 ? -1.474  8.053   2.481   1.00 16.72 ? 207  GLN A CA  1 
ATOM   101 C C   . GLN A 1 13 ? -0.389  8.107   3.545   1.00 16.30 ? 207  GLN A C   1 
ATOM   102 O O   . GLN A 1 13 ? 0.759   7.817   3.244   1.00 15.77 ? 207  GLN A O   1 
ATOM   103 C CB  . GLN A 1 13 ? -1.581  9.426   1.819   1.00 17.20 ? 207  GLN A CB  1 
ATOM   104 C CG  . GLN A 1 13 ? -0.299  9.759   1.068   1.00 17.86 ? 207  GLN A CG  1 
ATOM   105 C CD  . GLN A 1 13 ? -0.355  11.040  0.298   1.00 18.64 ? 207  GLN A CD  1 
ATOM   106 O OE1 . GLN A 1 13 ? -1.314  11.799  0.387   1.00 19.79 ? 207  GLN A OE1 1 
ATOM   107 N NE2 . GLN A 1 13 ? 0.686   11.298  -0.469  1.00 20.08 ? 207  GLN A NE2 1 
ATOM   108 N N   . ARG A 1 14 ? -0.767  8.486   4.768   1.00 16.16 ? 208  ARG A N   1 
ATOM   109 C CA  . ARG A 1 14 ? 0.162   8.549   5.889   1.00 16.58 ? 208  ARG A CA  1 
ATOM   110 C C   . ARG A 1 14 ? 0.857   7.202   6.090   1.00 15.90 ? 208  ARG A C   1 
ATOM   111 O O   . ARG A 1 14 ? 2.087   7.119   6.067   1.00 15.37 ? 208  ARG A O   1 
ATOM   112 C CB  . ARG A 1 14 ? -0.540  8.996   7.184   1.00 17.34 ? 208  ARG A CB  1 
ATOM   113 C CG  . ARG A 1 14 ? -0.706  10.499  7.351   1.00 18.02 ? 208  ARG A CG  1 
ATOM   114 C CD  . ARG A 1 14 ? -2.134  11.012  7.256   1.00 18.72 ? 208  ARG A CD  1 
ATOM   115 N NE  . ARG A 1 14 ? -2.917  10.674  8.430   1.00 18.61 ? 208  ARG A NE  1 
ATOM   116 C CZ  . ARG A 1 14 ? -4.002  11.312  8.865   1.00 17.94 ? 208  ARG A CZ  1 
ATOM   117 N NH1 . ARG A 1 14 ? -4.481  12.384  8.264   1.00 18.48 ? 208  ARG A NH1 1 
ATOM   118 N NH2 . ARG A 1 14 ? -4.606  10.865  9.948   1.00 17.48 ? 208  ARG A NH2 1 
ATOM   119 N N   . ALA A 1 15 ? 0.061   6.147   6.240   1.00 15.59 ? 209  ALA A N   1 
ATOM   120 C CA  . ALA A 1 15 ? 0.599   4.791   6.407   1.00 15.55 ? 209  ALA A CA  1 
ATOM   121 C C   . ALA A 1 15 ? 1.436   4.331   5.205   1.00 15.19 ? 209  ALA A C   1 
ATOM   122 O O   . ALA A 1 15 ? 2.461   3.680   5.366   1.00 14.41 ? 209  ALA A O   1 
ATOM   123 C CB  . ALA A 1 15 ? -0.530  3.808   6.673   1.00 15.55 ? 209  ALA A CB  1 
ATOM   124 N N   . ALA A 1 16 ? 0.981   4.674   4.007   1.00 15.37 ? 210  ALA A N   1 
ATOM   125 C CA  . ALA A 1 16 ? 1.669   4.299   2.775   1.00 15.86 ? 210  ALA A CA  1 
ATOM   126 C C   . ALA A 1 16 ? 3.094   4.841   2.704   1.00 16.22 ? 210  ALA A C   1 
ATOM   127 O O   . ALA A 1 16 ? 3.988   4.158   2.203   1.00 16.77 ? 210  ALA A O   1 
ATOM   128 C CB  . ALA A 1 16 ? 0.870   4.776   1.571   1.00 15.82 ? 210  ALA A CB  1 
ATOM   129 N N   . GLU A 1 17 ? 3.297   6.070   3.180   1.00 16.78 ? 211  GLU A N   1 
ATOM   130 C CA  . GLU A 1 17 ? 4.615   6.715   3.112   1.00 17.24 ? 211  GLU A CA  1 
ATOM   131 C C   . GLU A 1 17 ? 5.594   6.074   4.090   1.00 15.75 ? 211  GLU A C   1 
ATOM   132 O O   . GLU A 1 17 ? 6.777   5.982   3.788   1.00 15.45 ? 211  GLU A O   1 
ATOM   133 C CB  . GLU A 1 17 ? 4.529   8.224   3.371   1.00 18.45 ? 211  GLU A CB  1 
ATOM   134 C CG  . GLU A 1 17 ? 3.647   9.014   2.406   1.00 20.17 ? 211  GLU A CG  1 
ATOM   135 C CD  . GLU A 1 17 ? 4.187   9.123   0.977   1.00 21.52 ? 211  GLU A CD  1 
ATOM   136 O OE1 . GLU A 1 17 ? 5.366   8.776   0.723   1.00 22.33 ? 211  GLU A OE1 1 
ATOM   137 O OE2 . GLU A 1 17 ? 3.407   9.551   0.089   1.00 23.74 ? 211  GLU A OE2 1 
ATOM   138 N N   . TYR A 1 18 ? 5.101   5.619   5.244   1.00 14.89 ? 212  TYR A N   1 
ATOM   139 C CA  . TYR A 1 18 ? 5.916   4.829   6.182   1.00 14.04 ? 212  TYR A CA  1 
ATOM   140 C C   . TYR A 1 18 ? 6.344   3.501   5.562   1.00 13.78 ? 212  TYR A C   1 
ATOM   141 O O   . TYR A 1 18 ? 7.502   3.092   5.704   1.00 13.29 ? 212  TYR A O   1 
ATOM   142 C CB  . TYR A 1 18 ? 5.172   4.531   7.482   1.00 14.10 ? 212  TYR A CB  1 
ATOM   143 C CG  . TYR A 1 18 ? 5.072   5.682   8.461   1.00 13.88 ? 212  TYR A CG  1 
ATOM   144 C CD1 . TYR A 1 18 ? 6.195   6.141   9.152   1.00 13.72 ? 212  TYR A CD1 1 
ATOM   145 C CD2 . TYR A 1 18 ? 3.842   6.278   8.734   1.00 13.69 ? 212  TYR A CD2 1 
ATOM   146 C CE1 . TYR A 1 18 ? 6.104   7.185   10.055  1.00 13.72 ? 212  TYR A CE1 1 
ATOM   147 C CE2 . TYR A 1 18 ? 3.739   7.318   9.643   1.00 13.83 ? 212  TYR A CE2 1 
ATOM   148 C CZ  . TYR A 1 18 ? 4.871   7.771   10.303  1.00 13.95 ? 212  TYR A CZ  1 
ATOM   149 O OH  . TYR A 1 18 ? 4.765   8.813   11.200  1.00 13.87 ? 212  TYR A OH  1 
ATOM   150 N N   . LEU A 1 19 ? 5.412   2.823   4.891   1.00 13.30 ? 213  LEU A N   1 
ATOM   151 C CA  . LEU A 1 19 ? 5.723   1.574   4.189   1.00 13.43 ? 213  LEU A CA  1 
ATOM   152 C C   . LEU A 1 19 ? 6.714   1.805   3.050   1.00 13.32 ? 213  LEU A C   1 
ATOM   153 O O   . LEU A 1 19 ? 7.662   1.042   2.884   1.00 13.69 ? 213  LEU A O   1 
ATOM   154 C CB  . LEU A 1 19 ? 4.447   0.895   3.658   1.00 13.58 ? 213  LEU A CB  1 
ATOM   155 C CG  . LEU A 1 19 ? 4.626   -0.469  2.961   1.00 13.72 ? 213  LEU A CG  1 
ATOM   156 C CD1 . LEU A 1 19 ? 5.410   -1.451  3.831   1.00 13.88 ? 213  LEU A CD1 1 
ATOM   157 C CD2 . LEU A 1 19 ? 3.279   -1.058  2.574   1.00 13.70 ? 213  LEU A CD2 1 
ATOM   158 N N   . ALA A 1 20 ? 6.499   2.864   2.279   1.00 13.30 ? 214  ALA A N   1 
ATOM   159 C CA  . ALA A 1 20 ? 7.406   3.221   1.188   1.00 13.40 ? 214  ALA A CA  1 
ATOM   160 C C   . ALA A 1 20 ? 8.821   3.562   1.690   1.00 13.43 ? 214  ALA A C   1 
ATOM   161 O O   . ALA A 1 20 ? 9.812   3.258   1.018   1.00 13.19 ? 214  ALA A O   1 
ATOM   162 C CB  . ALA A 1 20 ? 6.830   4.377   0.367   1.00 13.32 ? 214  ALA A CB  1 
ATOM   163 N N   . ASP A 1 21 ? 8.916   4.180   2.865   1.00 13.87 ? 215  ASP A N   1 
ATOM   164 C CA  . ASP A 1 21 ? 10.219  4.434   3.486   1.00 14.62 ? 215  ASP A CA  1 
ATOM   165 C C   . ASP A 1 21 ? 10.959  3.139   3.800   1.00 16.00 ? 215  ASP A C   1 
ATOM   166 O O   . ASP A 1 21 ? 12.159  2.999   3.515   1.00 16.36 ? 215  ASP A O   1 
ATOM   167 C CB  . ASP A 1 21 ? 10.072  5.232   4.776   1.00 14.33 ? 215  ASP A CB  1 
ATOM   168 C CG  . ASP A 1 21 ? 9.764   6.687   4.537   1.00 14.12 ? 215  ASP A CG  1 
ATOM   169 O OD1 . ASP A 1 21 ? 9.773   7.131   3.367   1.00 13.75 ? 215  ASP A OD1 1 
ATOM   170 O OD2 . ASP A 1 21 ? 9.516   7.394   5.540   1.00 14.02 ? 215  ASP A OD2 1 
ATOM   171 N N   . ARG A 1 22 ? 10.246  2.193   4.399   1.00 17.28 ? 216  ARG A N   1 
ATOM   172 C CA  . ARG A 1 22 ? 10.856  0.932   4.773   1.00 18.33 ? 216  ARG A CA  1 
ATOM   173 C C   . ARG A 1 22 ? 11.278  0.133   3.541   1.00 18.94 ? 216  ARG A C   1 
ATOM   174 O O   . ARG A 1 22 ? 12.333  -0.499  3.545   1.00 19.22 ? 216  ARG A O   1 
ATOM   175 C CB  . ARG A 1 22 ? 9.905   0.104   5.633   1.00 18.55 ? 216  ARG A CB  1 
ATOM   176 C CG  . ARG A 1 22 ? 10.485  -1.225  6.083   1.00 19.43 ? 216  ARG A CG  1 
ATOM   177 C CD  . ARG A 1 22 ? 11.756  -1.063  6.910   1.00 19.65 ? 216  ARG A CD  1 
ATOM   178 N NE  . ARG A 1 22 ? 12.289  -2.366  7.290   1.00 20.67 ? 216  ARG A NE  1 
ATOM   179 C CZ  . ARG A 1 22 ? 13.021  -3.147  6.494   1.00 21.96 ? 216  ARG A CZ  1 
ATOM   180 N NH1 . ARG A 1 22 ? 13.333  -2.759  5.253   1.00 22.69 ? 216  ARG A NH1 1 
ATOM   181 N NH2 . ARG A 1 22 ? 13.442  -4.330  6.937   1.00 22.40 ? 216  ARG A NH2 1 
ATOM   182 N N   . LEU A 1 23 ? 10.448  0.151   2.501   1.00 19.10 ? 217  LEU A N   1 
ATOM   183 C CA  . LEU A 1 23 ? 10.732  -0.608  1.280   1.00 19.05 ? 217  LEU A CA  1 
ATOM   184 C C   . LEU A 1 23 ? 11.610  0.143   0.288   1.00 18.74 ? 217  LEU A C   1 
ATOM   185 O O   . LEU A 1 23 ? 11.988  -0.428  -0.727  1.00 18.82 ? 217  LEU A O   1 
ATOM   186 C CB  . LEU A 1 23 ? 9.429   -1.011  0.584   1.00 19.13 ? 217  LEU A CB  1 
ATOM   187 C CG  . LEU A 1 23 ? 8.528   -1.976  1.350   1.00 19.52 ? 217  LEU A CG  1 
ATOM   188 C CD1 . LEU A 1 23 ? 7.220   -2.186  0.606   1.00 19.74 ? 217  LEU A CD1 1 
ATOM   189 C CD2 . LEU A 1 23 ? 9.222   -3.309  1.574   1.00 19.97 ? 217  LEU A CD2 1 
ATOM   190 N N   . ALA A 1 24 ? 11.925  1.412   0.579   1.00 18.91 ? 218  ALA A N   1 
ATOM   191 C CA  . ALA A 1 24 ? 12.699  2.294   -0.316  1.00 18.25 ? 218  ALA A CA  1 
ATOM   192 C C   . ALA A 1 24 ? 12.127  2.318   -1.741  1.00 18.09 ? 218  ALA A C   1 
ATOM   193 O O   . ALA A 1 24 ? 12.827  2.055   -2.721  1.00 17.57 ? 218  ALA A O   1 
ATOM   194 C CB  . ALA A 1 24 ? 14.169  1.898   -0.318  1.00 18.34 ? 218  ALA A CB  1 
ATOM   195 N N   . CYS A 1 25 ? 10.843  2.656   -1.842  1.00 17.45 ? 219  CYS A N   1 
ATOM   196 C CA  . CYS A 1 25 ? 10.138  2.605   -3.107  1.00 17.27 ? 219  CYS A CA  1 
ATOM   197 C C   . CYS A 1 25 ? 9.178   3.791   -3.290  1.00 17.18 ? 219  CYS A C   1 
ATOM   198 O O   . CYS A 1 25 ? 9.010   4.610   -2.381  1.00 18.01 ? 219  CYS A O   1 
ATOM   199 C CB  . CYS A 1 25 ? 9.385   1.275   -3.210  1.00 16.88 ? 219  CYS A CB  1 
ATOM   200 S SG  . CYS A 1 25 ? 7.883   1.166   -2.219  1.00 16.67 ? 219  CYS A SG  1 
ATOM   201 N N   . PRO A 1 26 ? 8.557   3.897   -4.476  1.00 16.39 ? 220  PRO A N   1 
ATOM   202 C CA  . PRO A 1 26 ? 7.589   4.976   -4.684  1.00 16.17 ? 220  PRO A CA  1 
ATOM   203 C C   . PRO A 1 26 ? 6.192   4.667   -4.130  1.00 15.78 ? 220  PRO A C   1 
ATOM   204 O O   . PRO A 1 26 ? 5.870   3.505   -3.837  1.00 15.38 ? 220  PRO A O   1 
ATOM   205 C CB  . PRO A 1 26 ? 7.542   5.114   -6.221  1.00 16.30 ? 220  PRO A CB  1 
ATOM   206 C CG  . PRO A 1 26 ? 8.662   4.269   -6.747  1.00 16.10 ? 220  PRO A CG  1 
ATOM   207 C CD  . PRO A 1 26 ? 8.847   3.190   -5.736  1.00 16.04 ? 220  PRO A CD  1 
ATOM   208 N N   . THR A 1 27 ? 5.387   5.718   -3.983  1.00 15.68 ? 221  THR A N   1 
ATOM   209 C CA  . THR A 1 27 ? 3.961   5.592   -3.685  1.00 15.56 ? 221  THR A CA  1 
ATOM   210 C C   . THR A 1 27 ? 3.146   6.092   -4.871  1.00 15.30 ? 221  THR A C   1 
ATOM   211 O O   . THR A 1 27 ? 3.638   6.892   -5.673  1.00 15.09 ? 221  THR A O   1 
ATOM   212 C CB  . THR A 1 27 ? 3.533   6.421   -2.461  1.00 15.64 ? 221  THR A CB  1 
ATOM   213 O OG1 . THR A 1 27 ? 3.753   7.810   -2.728  1.00 15.93 ? 221  THR A OG1 1 
ATOM   214 C CG2 . THR A 1 27 ? 4.290   6.011   -1.214  1.00 15.92 ? 221  THR A CG2 1 
ATOM   215 N N   . ILE A 1 28 ? 1.906   5.628   -4.985  1.00 15.17 ? 222  ILE A N   1 
ATOM   216 C CA  . ILE A 1 28 ? 1.001   6.155   -6.004  1.00 15.69 ? 222  ILE A CA  1 
ATOM   217 C C   . ILE A 1 28 ? -0.430  6.305   -5.474  1.00 15.94 ? 222  ILE A C   1 
ATOM   218 O O   . ILE A 1 28 ? -0.953  5.433   -4.765  1.00 15.50 ? 222  ILE A O   1 
ATOM   219 C CB  . ILE A 1 28 ? 1.034   5.320   -7.315  1.00 15.88 ? 222  ILE A CB  1 
ATOM   220 C CG1 . ILE A 1 28 ? 0.336   6.084   -8.455  1.00 16.16 ? 222  ILE A CG1 1 
ATOM   221 C CG2 . ILE A 1 28 ? 0.428   3.931   -7.119  1.00 16.01 ? 222  ILE A CG2 1 
ATOM   222 C CD1 . ILE A 1 28 ? 0.301   5.349   -9.777  1.00 16.05 ? 222  ILE A CD1 1 
ATOM   223 N N   . ASN A 1 29 ? -1.052  7.428   -5.814  1.00 16.12 ? 223  ASN A N   1 
ATOM   224 C CA  . ASN A 1 29 ? -2.447  7.657   -5.485  1.00 16.54 ? 223  ASN A CA  1 
ATOM   225 C C   . ASN A 1 29 ? -3.331  6.811   -6.393  1.00 16.76 ? 223  ASN A C   1 
ATOM   226 O O   . ASN A 1 29 ? -3.190  6.848   -7.618  1.00 16.86 ? 223  ASN A O   1 
ATOM   227 C CB  . ASN A 1 29 ? -2.805  9.136   -5.622  1.00 16.51 ? 223  ASN A CB  1 
ATOM   228 C CG  . ASN A 1 29 ? -4.119  9.477   -4.946  1.00 16.93 ? 223  ASN A CG  1 
ATOM   229 O OD1 . ASN A 1 29 ? -5.126  8.809   -5.165  1.00 17.32 ? 223  ASN A OD1 1 
ATOM   230 N ND2 . ASN A 1 29 ? -4.110  10.513  -4.100  1.00 16.97 ? 223  ASN A ND2 1 
ATOM   231 N N   . ASN A 1 30 ? -4.249  6.065   -5.784  1.00 17.00 ? 224  ASN A N   1 
ATOM   232 C CA  . ASN A 1 30 ? -5.093  5.116   -6.509  1.00 17.35 ? 224  ASN A CA  1 
ATOM   233 C C   . ASN A 1 30 ? -6.020  5.792   -7.529  1.00 17.94 ? 224  ASN A C   1 
ATOM   234 O O   . ASN A 1 30 ? -6.532  5.144   -8.437  1.00 18.55 ? 224  ASN A O   1 
ATOM   235 C CB  . ASN A 1 30 ? -5.901  4.278   -5.511  1.00 17.23 ? 224  ASN A CB  1 
ATOM   236 C CG  . ASN A 1 30 ? -6.497  3.027   -6.127  1.00 17.20 ? 224  ASN A CG  1 
ATOM   237 O OD1 . ASN A 1 30 ? -5.932  2.427   -7.037  1.00 17.66 ? 224  ASN A OD1 1 
ATOM   238 N ND2 . ASN A 1 30 ? -7.638  2.620   -5.614  1.00 16.86 ? 224  ASN A ND2 1 
ATOM   239 N N   . ALA A 1 31 ? -6.243  7.093   -7.372  1.00 18.16 ? 225  ALA A N   1 
ATOM   240 C CA  . ALA A 1 31 ? -7.040  7.845   -8.340  1.00 18.61 ? 225  ALA A CA  1 
ATOM   241 C C   . ALA A 1 31 ? -6.308  8.041   -9.673  1.00 18.02 ? 225  ALA A C   1 
ATOM   242 O O   . ALA A 1 31 ? -6.941  8.334   -10.676 1.00 18.85 ? 225  ALA A O   1 
ATOM   243 C CB  . ALA A 1 31 ? -7.457  9.189   -7.758  1.00 18.81 ? 225  ALA A CB  1 
ATOM   244 N N   . ARG A 1 32 ? -4.988  7.872   -9.685  1.00 17.84 ? 226  ARG A N   1 
ATOM   245 C CA  . ARG A 1 32 ? -4.203  8.012   -10.910 1.00 17.91 ? 226  ARG A CA  1 
ATOM   246 C C   . ARG A 1 32 ? -4.333  6.741   -11.746 1.00 18.89 ? 226  ARG A C   1 
ATOM   247 O O   . ARG A 1 32 ? -3.998  5.661   -11.277 1.00 19.17 ? 226  ARG A O   1 
ATOM   248 C CB  . ARG A 1 32 ? -2.733  8.280   -10.579 1.00 17.27 ? 226  ARG A CB  1 
ATOM   249 C CG  . ARG A 1 32 ? -2.501  9.563   -9.780  1.00 16.86 ? 226  ARG A CG  1 
ATOM   250 C CD  . ARG A 1 32 ? -1.072  9.683   -9.258  1.00 15.99 ? 226  ARG A CD  1 
ATOM   251 N NE  . ARG A 1 32 ? -0.964  10.753  -8.264  1.00 15.53 ? 226  ARG A NE  1 
ATOM   252 C CZ  . ARG A 1 32 ? -0.077  10.804  -7.265  1.00 15.23 ? 226  ARG A CZ  1 
ATOM   253 N NH1 . ARG A 1 32 ? 0.824   9.843   -7.093  1.00 15.27 ? 226  ARG A NH1 1 
ATOM   254 N NH2 . ARG A 1 32 ? -0.093  11.828  -6.416  1.00 15.08 ? 226  ARG A NH2 1 
ATOM   255 N N   . LYS A 1 33 ? -4.838  6.863   -12.971 1.00 19.96 ? 227  LYS A N   1 
ATOM   256 C CA  . LYS A 1 33 ? -4.944  5.708   -13.872 1.00 20.92 ? 227  LYS A CA  1 
ATOM   257 C C   . LYS A 1 33 ? -3.544  5.246   -14.261 1.00 20.60 ? 227  LYS A C   1 
ATOM   258 O O   . LYS A 1 33 ? -2.790  5.988   -14.883 1.00 20.63 ? 227  LYS A O   1 
ATOM   259 C CB  . LYS A 1 33 ? -5.752  6.060   -15.126 1.00 21.83 ? 227  LYS A CB  1 
ATOM   260 C CG  . LYS A 1 33 ? -6.039  4.878   -16.053 1.00 23.01 ? 227  LYS A CG  1 
ATOM   261 C CD  . LYS A 1 33 ? -6.876  5.316   -17.244 1.00 23.97 ? 227  LYS A CD  1 
ATOM   262 C CE  . LYS A 1 33 ? -7.232  4.164   -18.172 1.00 24.68 ? 227  LYS A CE  1 
ATOM   263 N NZ  . LYS A 1 33 ? -6.080  3.718   -19.002 1.00 25.47 ? 227  LYS A NZ  1 
ATOM   264 N N   . PHE A 1 34 ? -3.217  4.006   -13.910 1.00 20.61 ? 228  PHE A N   1 
ATOM   265 C CA  . PHE A 1 34 ? -1.845  3.525   -13.972 1.00 20.98 ? 228  PHE A CA  1 
ATOM   266 C C   . PHE A 1 34 ? -1.788  2.072   -14.437 1.00 21.37 ? 228  PHE A C   1 
ATOM   267 O O   . PHE A 1 34 ? -2.690  1.287   -14.157 1.00 21.86 ? 228  PHE A O   1 
ATOM   268 C CB  . PHE A 1 34 ? -1.217  3.668   -12.576 1.00 20.51 ? 228  PHE A CB  1 
ATOM   269 C CG  . PHE A 1 34 ? 0.256   3.396   -12.534 1.00 20.29 ? 228  PHE A CG  1 
ATOM   270 C CD1 . PHE A 1 34 ? 1.156   4.306   -13.070 1.00 19.89 ? 228  PHE A CD1 1 
ATOM   271 C CD2 . PHE A 1 34 ? 0.748   2.243   -11.928 1.00 20.19 ? 228  PHE A CD2 1 
ATOM   272 C CE1 . PHE A 1 34 ? 2.519   4.061   -13.022 1.00 19.84 ? 228  PHE A CE1 1 
ATOM   273 C CE2 . PHE A 1 34 ? 2.109   1.993   -11.883 1.00 19.58 ? 228  PHE A CE2 1 
ATOM   274 C CZ  . PHE A 1 34 ? 2.994   2.903   -12.428 1.00 19.65 ? 228  PHE A CZ  1 
ATOM   275 N N   . ASP A 1 35 ? -0.719  1.729   -15.145 1.00 22.33 ? 229  ASP A N   1 
ATOM   276 C CA  . ASP A 1 35 ? -0.457  0.364   -15.600 1.00 23.15 ? 229  ASP A CA  1 
ATOM   277 C C   . ASP A 1 35 ? 0.394   -0.353  -14.555 1.00 23.21 ? 229  ASP A C   1 
ATOM   278 O O   . ASP A 1 35 ? 1.595   -0.112  -14.445 1.00 22.80 ? 229  ASP A O   1 
ATOM   279 C CB  . ASP A 1 35 ? 0.262   0.384   -16.964 1.00 24.36 ? 229  ASP A CB  1 
ATOM   280 C CG  . ASP A 1 35 ? 0.630   -1.015  -17.481 1.00 25.82 ? 229  ASP A CG  1 
ATOM   281 O OD1 . ASP A 1 35 ? 0.461   -2.025  -16.758 1.00 26.85 ? 229  ASP A OD1 1 
ATOM   282 O OD2 . ASP A 1 35 ? 1.097   -1.105  -18.633 1.00 26.87 ? 229  ASP A OD2 1 
ATOM   283 N N   . TYR A 1 36 ? -0.246  -1.245  -13.806 1.00 24.29 ? 230  TYR A N   1 
ATOM   284 C CA  . TYR A 1 36 ? 0.396   -2.003  -12.735 1.00 25.29 ? 230  TYR A CA  1 
ATOM   285 C C   . TYR A 1 36 ? 0.990   -3.348  -13.195 1.00 27.17 ? 230  TYR A C   1 
ATOM   286 O O   . TYR A 1 36 ? 1.580   -4.070  -12.390 1.00 27.03 ? 230  TYR A O   1 
ATOM   287 C CB  . TYR A 1 36 ? -0.633  -2.270  -11.628 1.00 24.63 ? 230  TYR A CB  1 
ATOM   288 C CG  . TYR A 1 36 ? -1.085  -1.038  -10.872 1.00 23.66 ? 230  TYR A CG  1 
ATOM   289 C CD1 . TYR A 1 36 ? -0.364  -0.568  -9.771  1.00 23.26 ? 230  TYR A CD1 1 
ATOM   290 C CD2 . TYR A 1 36 ? -2.239  -0.358  -11.236 1.00 22.87 ? 230  TYR A CD2 1 
ATOM   291 C CE1 . TYR A 1 36 ? -0.775  0.554   -9.066  1.00 22.59 ? 230  TYR A CE1 1 
ATOM   292 C CE2 . TYR A 1 36 ? -2.658  0.760   -10.535 1.00 22.66 ? 230  TYR A CE2 1 
ATOM   293 C CZ  . TYR A 1 36 ? -1.922  1.210   -9.448  1.00 22.34 ? 230  TYR A CZ  1 
ATOM   294 O OH  . TYR A 1 36 ? -2.333  2.323   -8.754  1.00 21.80 ? 230  TYR A OH  1 
ATOM   295 N N   . SER A 1 37 ? 0.840   -3.680  -14.477 1.00 29.60 ? 231  SER A N   1 
ATOM   296 C CA  . SER A 1 37 ? 1.164   -5.026  -14.973 1.00 31.04 ? 231  SER A CA  1 
ATOM   297 C C   . SER A 1 37 ? 2.637   -5.430  -14.877 1.00 32.37 ? 231  SER A C   1 
ATOM   298 O O   . SER A 1 37 ? 2.947   -6.622  -14.857 1.00 31.89 ? 231  SER A O   1 
ATOM   299 C CB  . SER A 1 37 ? 0.677   -5.197  -16.419 1.00 30.94 ? 231  SER A CB  1 
ATOM   300 O OG  . SER A 1 37 ? 1.375   -4.351  -17.317 1.00 30.98 ? 231  SER A OG  1 
ATOM   301 N N   . ASN A 1 38 ? 3.536   -4.455  -14.807 1.00 35.62 ? 232  ASN A N   1 
ATOM   302 C CA  . ASN A 1 38 ? 4.974   -4.731  -14.786 1.00 38.25 ? 232  ASN A CA  1 
ATOM   303 C C   . ASN A 1 38 ? 5.634   -4.511  -13.422 1.00 38.46 ? 232  ASN A C   1 
ATOM   304 O O   . ASN A 1 38 ? 6.851   -4.638  -13.285 1.00 38.78 ? 232  ASN A O   1 
ATOM   305 C CB  . ASN A 1 38 ? 5.677   -3.892  -15.858 1.00 41.31 ? 232  ASN A CB  1 
ATOM   306 C CG  . ASN A 1 38 ? 5.578   -4.515  -17.243 1.00 43.70 ? 232  ASN A CG  1 
ATOM   307 O OD1 . ASN A 1 38 ? 6.028   -5.643  -17.458 1.00 45.65 ? 232  ASN A OD1 1 
ATOM   308 N ND2 . ASN A 1 38 ? 5.000   -3.781  -18.191 1.00 45.89 ? 232  ASN A ND2 1 
ATOM   309 N N   . VAL A 1 39 ? 4.828   -4.205  -12.413 1.00 37.21 ? 233  VAL A N   1 
ATOM   310 C CA  . VAL A 1 39 ? 5.332   -4.033  -11.060 1.00 35.82 ? 233  VAL A CA  1 
ATOM   311 C C   . VAL A 1 39 ? 5.360   -5.384  -10.350 1.00 34.60 ? 233  VAL A C   1 
ATOM   312 O O   . VAL A 1 39 ? 4.355   -6.095  -10.282 1.00 34.32 ? 233  VAL A O   1 
ATOM   313 C CB  . VAL A 1 39 ? 4.479   -3.036  -10.254 1.00 36.17 ? 233  VAL A CB  1 
ATOM   314 C CG1 . VAL A 1 39 ? 5.135   -2.747  -8.906  1.00 35.77 ? 233  VAL A CG1 1 
ATOM   315 C CG2 . VAL A 1 39 ? 4.271   -1.754  -11.056 1.00 36.61 ? 233  VAL A CG2 1 
ATOM   316 N N   . LYS A 1 40 ? 6.520   -5.718  -9.807  1.00 33.34 ? 234  LYS A N   1 
ATOM   317 C CA  . LYS A 1 40 ? 6.750   -7.016  -9.195  1.00 33.41 ? 234  LYS A CA  1 
ATOM   318 C C   . LYS A 1 40 ? 5.905   -7.189  -7.928  1.00 30.74 ? 234  LYS A C   1 
ATOM   319 O O   . LYS A 1 40 ? 5.163   -8.163  -7.808  1.00 29.88 ? 234  LYS A O   1 
ATOM   320 C CB  . LYS A 1 40 ? 8.255   -7.177  -8.923  1.00 35.41 ? 234  LYS A CB  1 
ATOM   321 C CG  . LYS A 1 40 ? 8.655   -8.224  -7.901  1.00 38.33 ? 234  LYS A CG  1 
ATOM   322 C CD  . LYS A 1 40 ? 8.800   -9.610  -8.490  1.00 40.09 ? 234  LYS A CD  1 
ATOM   323 C CE  . LYS A 1 40 ? 8.951   -10.624 -7.369  1.00 42.15 ? 234  LYS A CE  1 
ATOM   324 N NZ  . LYS A 1 40 ? 9.885   -11.717 -7.743  1.00 44.04 ? 234  LYS A NZ  1 
ATOM   325 N N   . ASN A 1 41 ? 6.031   -6.250  -6.991  1.00 28.22 ? 235  ASN A N   1 
ATOM   326 C CA  . ASN A 1 41 ? 5.238   -6.259  -5.761  1.00 26.58 ? 235  ASN A CA  1 
ATOM   327 C C   . ASN A 1 41 ? 4.380   -5.007  -5.661  1.00 25.01 ? 235  ASN A C   1 
ATOM   328 O O   . ASN A 1 41 ? 4.905   -3.905  -5.543  1.00 24.05 ? 235  ASN A O   1 
ATOM   329 C CB  . ASN A 1 41 ? 6.136   -6.329  -4.527  1.00 27.14 ? 235  ASN A CB  1 
ATOM   330 C CG  . ASN A 1 41 ? 7.044   -7.539  -4.530  1.00 27.68 ? 235  ASN A CG  1 
ATOM   331 O OD1 . ASN A 1 41 ? 6.602   -8.658  -4.297  1.00 29.14 ? 235  ASN A OD1 1 
ATOM   332 N ND2 . ASN A 1 41 ? 8.317   -7.316  -4.788  1.00 28.56 ? 235  ASN A ND2 1 
ATOM   333 N N   . VAL A 1 42 ? 3.062   -5.188  -5.705  1.00 23.53 ? 236  VAL A N   1 
ATOM   334 C CA  . VAL A 1 42 ? 2.113   -4.097  -5.518  1.00 22.79 ? 236  VAL A CA  1 
ATOM   335 C C   . VAL A 1 42 ? 1.497   -4.208  -4.124  1.00 21.92 ? 236  VAL A C   1 
ATOM   336 O O   . VAL A 1 42 ? 0.773   -5.176  -3.825  1.00 20.43 ? 236  VAL A O   1 
ATOM   337 C CB  . VAL A 1 42 ? 1.010   -4.121  -6.600  1.00 23.20 ? 236  VAL A CB  1 
ATOM   338 C CG1 . VAL A 1 42 ? -0.002  -3.004  -6.374  1.00 23.19 ? 236  VAL A CG1 1 
ATOM   339 C CG2 . VAL A 1 42 ? 1.632   -3.999  -7.985  1.00 23.28 ? 236  VAL A CG2 1 
ATOM   340 N N   . TYR A 1 43 ? 1.814   -3.223  -3.280  1.00 20.89 ? 237  TYR A N   1 
ATOM   341 C CA  . TYR A 1 43 ? 1.233   -3.095  -1.943  1.00 20.91 ? 237  TYR A CA  1 
ATOM   342 C C   . TYR A 1 43 ? 0.092   -2.093  -1.944  1.00 19.97 ? 237  TYR A C   1 
ATOM   343 O O   . TYR A 1 43 ? 0.203   -1.027  -2.539  1.00 19.69 ? 237  TYR A O   1 
ATOM   344 C CB  . TYR A 1 43 ? 2.277   -2.602  -0.957  1.00 21.31 ? 237  TYR A CB  1 
ATOM   345 C CG  . TYR A 1 43 ? 3.392   -3.575  -0.699  1.00 22.44 ? 237  TYR A CG  1 
ATOM   346 C CD1 . TYR A 1 43 ? 4.465   -3.691  -1.577  1.00 22.62 ? 237  TYR A CD1 1 
ATOM   347 C CD2 . TYR A 1 43 ? 3.384   -4.371  0.439   1.00 23.46 ? 237  TYR A CD2 1 
ATOM   348 C CE1 . TYR A 1 43 ? 5.490   -4.576  -1.330  1.00 23.34 ? 237  TYR A CE1 1 
ATOM   349 C CE2 . TYR A 1 43 ? 4.405   -5.256  0.693   1.00 24.48 ? 237  TYR A CE2 1 
ATOM   350 C CZ  . TYR A 1 43 ? 5.452   -5.355  -0.192  1.00 24.68 ? 237  TYR A CZ  1 
ATOM   351 O OH  . TYR A 1 43 ? 6.459   -6.243  0.088   1.00 28.00 ? 237  TYR A OH  1 
ATOM   352 N N   . ALA A 1 44 ? -1.000  -2.434  -1.275  1.00 19.24 ? 238  ALA A N   1 
ATOM   353 C CA  . ALA A 1 44 ? -2.097  -1.484  -1.065  1.00 18.89 ? 238  ALA A CA  1 
ATOM   354 C C   . ALA A 1 44 ? -2.270  -1.261  0.429   1.00 18.57 ? 238  ALA A C   1 
ATOM   355 O O   . ALA A 1 44 ? -2.202  -2.204  1.220   1.00 17.70 ? 238  ALA A O   1 
ATOM   356 C CB  . ALA A 1 44 ? -3.383  -1.993  -1.683  1.00 18.64 ? 238  ALA A CB  1 
ATOM   357 N N   . VAL A 1 45 ? -2.475  -0.004  0.806   1.00 18.77 ? 239  VAL A N   1 
ATOM   358 C CA  . VAL A 1 45 ? -2.633  0.364   2.202   1.00 18.78 ? 239  VAL A CA  1 
ATOM   359 C C   . VAL A 1 45 ? -4.020  0.975   2.453   1.00 19.07 ? 239  VAL A C   1 
ATOM   360 O O   . VAL A 1 45 ? -4.355  2.036   1.911   1.00 17.82 ? 239  VAL A O   1 
ATOM   361 C CB  . VAL A 1 45 ? -1.506  1.317   2.647   1.00 18.88 ? 239  VAL A CB  1 
ATOM   362 C CG1 . VAL A 1 45 ? -1.746  1.807   4.062   1.00 19.14 ? 239  VAL A CG1 1 
ATOM   363 C CG2 . VAL A 1 45 ? -0.159  0.610   2.559   1.00 18.77 ? 239  VAL A CG2 1 
ATOM   364 N N   . GLY A 1 46 ? -4.812  0.282   3.278   1.00 19.64 ? 240  GLY A N   1 
ATOM   365 C CA  . GLY A 1 46 ? -6.154  0.714   3.654   1.00 20.12 ? 240  GLY A CA  1 
ATOM   366 C C   . GLY A 1 46 ? -7.210  0.216   2.688   1.00 20.92 ? 240  GLY A C   1 
ATOM   367 O O   . GLY A 1 46 ? -6.899  -0.137  1.557   1.00 20.39 ? 240  GLY A O   1 
ATOM   368 N N   . GLY A 1 47 ? -8.460  0.176   3.148   1.00 22.42 ? 241  GLY A N   1 
ATOM   369 C CA  . GLY A 1 47 ? -9.597  -0.181  2.294   1.00 23.41 ? 241  GLY A CA  1 
ATOM   370 C C   . GLY A 1 47 ? -9.742  -1.664  1.988   1.00 24.39 ? 241  GLY A C   1 
ATOM   371 O O   . GLY A 1 47 ? -9.282  -2.515  2.745   1.00 23.95 ? 241  GLY A O   1 
ATOM   372 N N   . ASN A 1 48 ? -10.398 -1.974  0.874   1.00 26.15 ? 242  ASN A N   1 
ATOM   373 C CA  . ASN A 1 48 ? -10.591 -3.364  0.447   1.00 27.85 ? 242  ASN A CA  1 
ATOM   374 C C   . ASN A 1 48 ? -9.982  -3.606  -0.923  1.00 27.27 ? 242  ASN A C   1 
ATOM   375 O O   . ASN A 1 48 ? -9.755  -2.668  -1.687  1.00 26.17 ? 242  ASN A O   1 
ATOM   376 C CB  . ASN A 1 48 ? -12.082 -3.740  0.442   1.00 29.67 ? 242  ASN A CB  1 
ATOM   377 C CG  . ASN A 1 48 ? -12.906 -2.887  -0.518  1.00 31.54 ? 242  ASN A CG  1 
ATOM   378 O OD1 . ASN A 1 48 ? -12.980 -3.171  -1.714  1.00 34.33 ? 242  ASN A OD1 1 
ATOM   379 N ND2 . ASN A 1 48 ? -13.547 -1.848  0.007   1.00 32.32 ? 242  ASN A ND2 1 
ATOM   380 N N   . LYS A 1 49 ? -9.740  -4.876  -1.226  1.00 28.08 ? 243  LYS A N   1 
ATOM   381 C CA  . LYS A 1 49 ? -9.083  -5.287  -2.468  1.00 29.26 ? 243  LYS A CA  1 
ATOM   382 C C   . LYS A 1 49 ? -9.786  -4.802  -3.731  1.00 28.66 ? 243  LYS A C   1 
ATOM   383 O O   . LYS A 1 49 ? -9.125  -4.490  -4.722  1.00 27.53 ? 243  LYS A O   1 
ATOM   384 C CB  . LYS A 1 49 ? -8.953  -6.811  -2.524  1.00 31.61 ? 243  LYS A CB  1 
ATOM   385 C CG  . LYS A 1 49 ? -7.797  -7.367  -1.715  1.00 33.58 ? 243  LYS A CG  1 
ATOM   386 C CD  . LYS A 1 49 ? -7.868  -8.882  -1.660  1.00 36.18 ? 243  LYS A CD  1 
ATOM   387 C CE  . LYS A 1 49 ? -6.866  -9.442  -0.662  1.00 37.86 ? 243  LYS A CE  1 
ATOM   388 N NZ  . LYS A 1 49 ? -7.078  -10.902 -0.456  1.00 39.70 ? 243  LYS A NZ  1 
ATOM   389 N N   . GLU A 1 50 ? -11.115 -4.716  -3.686  1.00 28.47 ? 244  GLU A N   1 
ATOM   390 C CA  . GLU A 1 50 ? -11.909 -4.308  -4.861  1.00 29.28 ? 244  GLU A CA  1 
ATOM   391 C C   . GLU A 1 50 ? -11.643 -2.877  -5.315  1.00 27.03 ? 244  GLU A C   1 
ATOM   392 O O   . GLU A 1 50 ? -11.944 -2.524  -6.448  1.00 26.70 ? 244  GLU A O   1 
ATOM   393 C CB  . GLU A 1 50 ? -13.412 -4.479  -4.606  1.00 31.05 ? 244  GLU A CB  1 
ATOM   394 C CG  . GLU A 1 50 ? -13.873 -5.926  -4.514  1.00 33.63 ? 244  GLU A CG  1 
ATOM   395 C CD  . GLU A 1 50 ? -13.377 -6.648  -3.271  1.00 35.73 ? 244  GLU A CD  1 
ATOM   396 O OE1 . GLU A 1 50 ? -13.379 -6.059  -2.162  1.00 35.63 ? 244  GLU A OE1 1 
ATOM   397 O OE2 . GLU A 1 50 ? -12.982 -7.823  -3.413  1.00 39.27 ? 244  GLU A OE2 1 
ATOM   398 N N   . GLN A 1 51 ? -11.090 -2.057  -4.427  1.00 26.62 ? 245  GLN A N   1 
ATOM   399 C CA  . GLN A 1 51 ? -10.724 -0.678  -4.758  1.00 25.22 ? 245  GLN A CA  1 
ATOM   400 C C   . GLN A 1 51 ? -9.481  -0.575  -5.632  1.00 23.81 ? 245  GLN A C   1 
ATOM   401 O O   . GLN A 1 51 ? -9.267  0.446   -6.280  1.00 22.17 ? 245  GLN A O   1 
ATOM   402 C CB  . GLN A 1 51 ? -10.480 0.118   -3.479  1.00 25.40 ? 245  GLN A CB  1 
ATOM   403 C CG  . GLN A 1 51 ? -11.711 0.259   -2.607  1.00 25.65 ? 245  GLN A CG  1 
ATOM   404 C CD  . GLN A 1 51 ? -11.428 1.083   -1.374  1.00 25.70 ? 245  GLN A CD  1 
ATOM   405 O OE1 . GLN A 1 51 ? -11.129 0.544   -0.310  1.00 26.08 ? 245  GLN A OE1 1 
ATOM   406 N NE2 . GLN A 1 51 ? -11.497 2.395   -1.516  1.00 25.25 ? 245  GLN A NE2 1 
ATOM   407 N N   . TYR A 1 52 ? -8.679  -1.637  -5.652  1.00 23.90 ? 246  TYR A N   1 
ATOM   408 C CA  . TYR A 1 52 ? -7.343  -1.584  -6.218  1.00 23.73 ? 246  TYR A CA  1 
ATOM   409 C C   . TYR A 1 52 ? -7.184  -2.478  -7.437  1.00 24.36 ? 246  TYR A C   1 
ATOM   410 O O   . TYR A 1 52 ? -8.066  -3.273  -7.758  1.00 24.70 ? 246  TYR A O   1 
ATOM   411 C CB  . TYR A 1 52 ? -6.328  -2.015  -5.167  1.00 23.93 ? 246  TYR A CB  1 
ATOM   412 C CG  . TYR A 1 52 ? -6.288  -1.155  -3.923  1.00 23.88 ? 246  TYR A CG  1 
ATOM   413 C CD1 . TYR A 1 52 ? -5.564  0.032   -3.890  1.00 23.80 ? 246  TYR A CD1 1 
ATOM   414 C CD2 . TYR A 1 52 ? -6.956  -1.544  -2.769  1.00 24.20 ? 246  TYR A CD2 1 
ATOM   415 C CE1 . TYR A 1 52 ? -5.521  0.816   -2.742  1.00 23.81 ? 246  TYR A CE1 1 
ATOM   416 C CE2 . TYR A 1 52 ? -6.913  -0.776  -1.616  1.00 24.10 ? 246  TYR A CE2 1 
ATOM   417 C CZ  . TYR A 1 52 ? -6.195  0.405   -1.604  1.00 24.04 ? 246  TYR A CZ  1 
ATOM   418 O OH  . TYR A 1 52 ? -6.157  1.168   -0.453  1.00 23.26 ? 246  TYR A OH  1 
ATOM   419 N N   . THR A 1 53 ? -6.035  -2.335  -8.099  1.00 23.77 ? 247  THR A N   1 
ATOM   420 C CA  . THR A 1 53 ? -5.655  -3.178  -9.228  1.00 23.39 ? 247  THR A CA  1 
ATOM   421 C C   . THR A 1 53 ? -5.677  -4.668  -8.902  1.00 23.64 ? 247  THR A C   1 
ATOM   422 O O   . THR A 1 53 ? -5.398  -5.081  -7.774  1.00 22.04 ? 247  THR A O   1 
ATOM   423 C CB  . THR A 1 53 ? -4.244  -2.817  -9.749  1.00 24.07 ? 247  THR A CB  1 
ATOM   424 O OG1 . THR A 1 53 ? -3.868  -3.714  -10.802 1.00 23.91 ? 247  THR A OG1 1 
ATOM   425 C CG2 . THR A 1 53 ? -3.191  -2.877  -8.628  1.00 23.47 ? 247  THR A CG2 1 
ATOM   426 N N   . SER A 1 54 ? -5.991  -5.470  -9.921  1.00 23.97 ? 248  SER A N   1 
ATOM   427 C CA  . SER A 1 54 ? -5.959  -6.929  -9.805  1.00 24.08 ? 248  SER A CA  1 
ATOM   428 C C   . SER A 1 54 ? -4.527  -7.472  -9.744  1.00 23.75 ? 248  SER A C   1 
ATOM   429 O O   . SER A 1 54 ? -4.323  -8.644  -9.450  1.00 23.23 ? 248  SER A O   1 
ATOM   430 C CB  . SER A 1 54 ? -6.716  -7.571  -10.971 1.00 24.29 ? 248  SER A CB  1 
ATOM   431 O OG  . SER A 1 54 ? -5.995  -7.442  -12.178 1.00 24.43 ? 248  SER A OG  1 
ATOM   432 N N   . TYR A 1 55 ? -3.542  -6.617  -10.021 1.00 24.21 ? 249  TYR A N   1 
ATOM   433 C CA  . TYR A 1 55 ? -2.126  -6.961  -9.843  1.00 24.53 ? 249  TYR A CA  1 
ATOM   434 C C   . TYR A 1 55 ? -1.641  -6.781  -8.393  1.00 24.36 ? 249  TYR A C   1 
ATOM   435 O O   . TYR A 1 55 ? -0.456  -6.918  -8.117  1.00 24.41 ? 249  TYR A O   1 
ATOM   436 C CB  . TYR A 1 55 ? -1.260  -6.123  -10.784 1.00 24.70 ? 249  TYR A CB  1 
ATOM   437 C CG  . TYR A 1 55 ? -1.441  -6.459  -12.238 1.00 25.82 ? 249  TYR A CG  1 
ATOM   438 C CD1 . TYR A 1 55 ? -0.840  -7.591  -12.785 1.00 26.35 ? 249  TYR A CD1 1 
ATOM   439 C CD2 . TYR A 1 55 ? -2.198  -5.639  -13.078 1.00 26.31 ? 249  TYR A CD2 1 
ATOM   440 C CE1 . TYR A 1 55 ? -0.998  -7.908  -14.121 1.00 26.95 ? 249  TYR A CE1 1 
ATOM   441 C CE2 . TYR A 1 55 ? -2.362  -5.945  -14.420 1.00 26.96 ? 249  TYR A CE2 1 
ATOM   442 C CZ  . TYR A 1 55 ? -1.760  -7.082  -14.935 1.00 27.47 ? 249  TYR A CZ  1 
ATOM   443 O OH  . TYR A 1 55 ? -1.906  -7.396  -16.267 1.00 28.36 ? 249  TYR A OH  1 
ATOM   444 N N   . LEU A 1 56 ? -2.562  -6.470  -7.485  1.00 24.95 ? 250  LEU A N   1 
ATOM   445 C CA  A LEU A 1 56 ? -2.245  -6.317  -6.065  0.60 25.12 ? 250  LEU A CA  1 
ATOM   446 C CA  B LEU A 1 56 ? -2.260  -6.321  -6.064  0.40 24.74 ? 250  LEU A CA  1 
ATOM   447 C C   . LEU A 1 56 ? -1.637  -7.600  -5.502  1.00 24.89 ? 250  LEU A C   1 
ATOM   448 O O   . LEU A 1 56 ? -2.121  -8.696  -5.772  1.00 24.74 ? 250  LEU A O   1 
ATOM   449 C CB  A LEU A 1 56 ? -3.505  -5.925  -5.281  0.60 25.52 ? 250  LEU A CB  1 
ATOM   450 C CB  B LEU A 1 56 ? -3.547  -5.978  -5.308  0.40 24.62 ? 250  LEU A CB  1 
ATOM   451 C CG  A LEU A 1 56 ? -3.440  -5.853  -3.745  0.60 25.80 ? 250  LEU A CG  1 
ATOM   452 C CG  B LEU A 1 56 ? -3.517  -5.845  -3.785  0.40 24.42 ? 250  LEU A CG  1 
ATOM   453 C CD1 A LEU A 1 56 ? -4.452  -4.845  -3.223  0.60 25.92 ? 250  LEU A CD1 1 
ATOM   454 C CD1 B LEU A 1 56 ? -2.535  -4.769  -3.362  0.40 24.20 ? 250  LEU A CD1 1 
ATOM   455 C CD2 A LEU A 1 56 ? -3.678  -7.211  -3.090  0.60 26.15 ? 250  LEU A CD2 1 
ATOM   456 C CD2 B LEU A 1 56 ? -4.914  -5.537  -3.271  0.40 24.37 ? 250  LEU A CD2 1 
ATOM   457 N N   . THR A 1 57 ? -0.569  -7.446  -4.720  1.00 24.93 ? 251  THR A N   1 
ATOM   458 C CA  . THR A 1 57 ? 0.157   -8.562  -4.102  1.00 25.17 ? 251  THR A CA  1 
ATOM   459 C C   . THR A 1 57 ? -0.166  -8.708  -2.621  1.00 24.16 ? 251  THR A C   1 
ATOM   460 O O   . THR A 1 57 ? -0.321  -9.817  -2.109  1.00 23.11 ? 251  THR A O   1 
ATOM   461 C CB  . THR A 1 57 ? 1.681   -8.327  -4.164  1.00 25.99 ? 251  THR A CB  1 
ATOM   462 O OG1 . THR A 1 57 ? 2.078   -8.043  -5.501  1.00 26.89 ? 251  THR A OG1 1 
ATOM   463 C CG2 . THR A 1 57 ? 2.430   -9.550  -3.666  1.00 27.58 ? 251  THR A CG2 1 
ATOM   464 N N   . THR A 1 58 ? -0.196  -7.566  -1.934  1.00 23.52 ? 252  THR A N   1 
ATOM   465 C CA  . THR A 1 58 ? -0.359  -7.507  -0.493  1.00 22.95 ? 252  THR A CA  1 
ATOM   466 C C   . THR A 1 58 ? -1.261  -6.341  -0.150  1.00 22.44 ? 252  THR A C   1 
ATOM   467 O O   . THR A 1 58 ? -0.976  -5.213  -0.524  1.00 22.53 ? 252  THR A O   1 
ATOM   468 C CB  . THR A 1 58 ? 1.000   -7.295  0.212   1.00 22.90 ? 252  THR A CB  1 
ATOM   469 O OG1 . THR A 1 58 ? 1.919   -8.327  -0.167  1.00 23.36 ? 252  THR A OG1 1 
ATOM   470 C CG2 . THR A 1 58 ? 0.832   -7.304  1.724   1.00 23.19 ? 252  THR A CG2 1 
ATOM   471 N N   . LEU A 1 59 ? -2.359  -6.616  0.543   1.00 22.61 ? 253  LEU A N   1 
ATOM   472 C CA  . LEU A 1 59 ? -3.188  -5.562  1.111   1.00 22.42 ? 253  LEU A CA  1 
ATOM   473 C C   . LEU A 1 59 ? -2.859  -5.455  2.598   1.00 21.73 ? 253  LEU A C   1 
ATOM   474 O O   . LEU A 1 59 ? -2.868  -6.459  3.300   1.00 21.73 ? 253  LEU A O   1 
ATOM   475 C CB  . LEU A 1 59 ? -4.668  -5.884  0.925   1.00 22.85 ? 253  LEU A CB  1 
ATOM   476 C CG  . LEU A 1 59 ? -5.638  -4.858  1.526   1.00 23.53 ? 253  LEU A CG  1 
ATOM   477 C CD1 . LEU A 1 59 ? -5.621  -3.543  0.748   1.00 23.74 ? 253  LEU A CD1 1 
ATOM   478 C CD2 . LEU A 1 59 ? -7.050  -5.414  1.601   1.00 23.87 ? 253  LEU A CD2 1 
ATOM   479 N N   . ILE A 1 60 ? -2.548  -4.247  3.068   1.00 21.17 ? 254  ILE A N   1 
ATOM   480 C CA  . ILE A 1 60 ? -2.377  -3.998  4.505   1.00 20.37 ? 254  ILE A CA  1 
ATOM   481 C C   . ILE A 1 60 ? -3.438  -2.983  4.927   1.00 19.84 ? 254  ILE A C   1 
ATOM   482 O O   . ILE A 1 60 ? -3.409  -1.832  4.511   1.00 20.38 ? 254  ILE A O   1 
ATOM   483 C CB  . ILE A 1 60 ? -0.956  -3.506  4.854   1.00 20.81 ? 254  ILE A CB  1 
ATOM   484 C CG1 . ILE A 1 60 ? 0.092   -4.439  4.237   1.00 21.00 ? 254  ILE A CG1 1 
ATOM   485 C CG2 . ILE A 1 60 ? -0.776  -3.426  6.365   1.00 20.48 ? 254  ILE A CG2 1 
ATOM   486 C CD1 . ILE A 1 60 ? 1.525   -3.983  4.405   1.00 21.02 ? 254  ILE A CD1 1 
ATOM   487 N N   . ALA A 1 61 ? -4.395  -3.434  5.732   1.00 19.46 ? 255  ALA A N   1 
ATOM   488 C CA  . ALA A 1 61 ? -5.560  -2.628  6.087   1.00 19.28 ? 255  ALA A CA  1 
ATOM   489 C C   . ALA A 1 61 ? -6.184  -3.139  7.368   1.00 19.14 ? 255  ALA A C   1 
ATOM   490 O O   . ALA A 1 61 ? -6.171  -4.336  7.631   1.00 18.61 ? 255  ALA A O   1 
ATOM   491 C CB  . ALA A 1 61 ? -6.595  -2.662  4.968   1.00 19.29 ? 255  ALA A CB  1 
ATOM   492 N N   . GLY A 1 62 ? -6.729  -2.217  8.156   1.00 18.84 ? 256  GLY A N   1 
ATOM   493 C CA  . GLY A 1 62 ? -7.531  -2.560  9.319   1.00 18.80 ? 256  GLY A CA  1 
ATOM   494 C C   . GLY A 1 62 ? -8.910  -1.926  9.255   1.00 18.50 ? 256  GLY A C   1 
ATOM   495 O O   . GLY A 1 62 ? -9.290  -1.321  8.255   1.00 17.66 ? 256  GLY A O   1 
ATOM   496 N N   . SER A 1 63 ? -9.642  -2.061  10.355  1.00 18.78 ? 257  SER A N   1 
ATOM   497 C CA  . SER A 1 63 ? -11.012 -1.545  10.492  1.00 19.16 ? 257  SER A CA  1 
ATOM   498 C C   . SER A 1 63 ? -11.108 -0.022  10.459  1.00 18.60 ? 257  SER A C   1 
ATOM   499 O O   . SER A 1 63 ? -12.162 0.528   10.112  1.00 18.79 ? 257  SER A O   1 
ATOM   500 C CB  . SER A 1 63 ? -11.598 -2.047  11.819  1.00 19.32 ? 257  SER A CB  1 
ATOM   501 O OG  . SER A 1 63 ? -10.693 -1.780  12.890  1.00 19.65 ? 257  SER A OG  1 
ATOM   502 N N   . THR A 1 64 ? -10.033 0.651   10.878  1.00 17.73 ? 258  THR A N   1 
ATOM   503 C CA  . THR A 1 64 ? -9.982  2.115   10.935  1.00 17.18 ? 258  THR A CA  1 
ATOM   504 C C   . THR A 1 64 ? -8.649  2.622   10.400  1.00 16.80 ? 258  THR A C   1 
ATOM   505 O O   . THR A 1 64 ? -7.731  1.843   10.152  1.00 16.26 ? 258  THR A O   1 
ATOM   506 C CB  . THR A 1 64 ? -10.147 2.657   12.382  1.00 17.68 ? 258  THR A CB  1 
ATOM   507 O OG1 . THR A 1 64 ? -8.948  2.440   13.137  1.00 17.07 ? 258  THR A OG1 1 
ATOM   508 C CG2 . THR A 1 64 ? -11.326 2.001   13.102  1.00 17.67 ? 258  THR A CG2 1 
ATOM   509 N N   . ARG A 1 65 ? -8.550  3.935   10.235  1.00 16.54 ? 259  ARG A N   1 
ATOM   510 C CA  . ARG A 1 65 ? -7.296  4.565   9.846   1.00 16.33 ? 259  ARG A CA  1 
ATOM   511 C C   . ARG A 1 65 ? -6.183  4.206   10.830  1.00 16.32 ? 259  ARG A C   1 
ATOM   512 O O   . ARG A 1 65 ? -5.047  3.992   10.417  1.00 15.72 ? 259  ARG A O   1 
ATOM   513 C CB  . ARG A 1 65 ? -7.452  6.088   9.740   1.00 16.42 ? 259  ARG A CB  1 
ATOM   514 C CG  . ARG A 1 65 ? -7.710  6.803   11.068  1.00 16.57 ? 259  ARG A CG  1 
ATOM   515 C CD  . ARG A 1 65 ? -8.061  8.262   10.850  1.00 16.88 ? 259  ARG A CD  1 
ATOM   516 N NE  . ARG A 1 65 ? -9.310  8.397   10.117  1.00 17.73 ? 259  ARG A NE  1 
ATOM   517 C CZ  . ARG A 1 65 ? -9.678  9.450   9.387   1.00 18.80 ? 259  ARG A CZ  1 
ATOM   518 N NH1 . ARG A 1 65 ? -8.892  10.519  9.259   1.00 19.08 ? 259  ARG A NH1 1 
ATOM   519 N NH2 . ARG A 1 65 ? -10.863 9.437   8.772   1.00 19.64 ? 259  ARG A NH2 1 
ATOM   520 N N   . TYR A 1 66 ? -6.523  4.127   12.120  1.00 16.49 ? 260  TYR A N   1 
ATOM   521 C CA  . TYR A 1 66 ? -5.546  3.871   13.171  1.00 16.75 ? 260  TYR A CA  1 
ATOM   522 C C   . TYR A 1 66 ? -5.055  2.428   13.133  1.00 16.59 ? 260  TYR A C   1 
ATOM   523 O O   . TYR A 1 66 ? -3.864  2.182   13.301  1.00 16.13 ? 260  TYR A O   1 
ATOM   524 C CB  . TYR A 1 66 ? -6.117  4.199   14.562  1.00 17.51 ? 260  TYR A CB  1 
ATOM   525 C CG  . TYR A 1 66 ? -6.700  5.596   14.666  1.00 17.58 ? 260  TYR A CG  1 
ATOM   526 C CD1 . TYR A 1 66 ? -5.885  6.717   14.546  1.00 17.78 ? 260  TYR A CD1 1 
ATOM   527 C CD2 . TYR A 1 66 ? -8.071  5.794   14.865  1.00 17.88 ? 260  TYR A CD2 1 
ATOM   528 C CE1 . TYR A 1 66 ? -6.409  7.999   14.627  1.00 17.80 ? 260  TYR A CE1 1 
ATOM   529 C CE2 . TYR A 1 66 ? -8.606  7.072   14.950  1.00 18.11 ? 260  TYR A CE2 1 
ATOM   530 C CZ  . TYR A 1 66 ? -7.768  8.171   14.829  1.00 18.33 ? 260  TYR A CZ  1 
ATOM   531 O OH  . TYR A 1 66 ? -8.279  9.439   14.910  1.00 18.50 ? 260  TYR A OH  1 
ATOM   532 N N   . THR A 1 67 ? -5.967  1.481   12.893  1.00 16.31 ? 261  THR A N   1 
ATOM   533 C CA  . THR A 1 67 ? -5.596  0.068   12.829  1.00 15.94 ? 261  THR A CA  1 
ATOM   534 C C   . THR A 1 67 ? -4.949  -0.304  11.499  1.00 15.38 ? 261  THR A C   1 
ATOM   535 O O   . THR A 1 67 ? -4.197  -1.264  11.422  1.00 15.99 ? 261  THR A O   1 
ATOM   536 C CB  . THR A 1 67 ? -6.779  -0.869  13.145  1.00 16.38 ? 261  THR A CB  1 
ATOM   537 O OG1 . THR A 1 67 ? -7.893  -0.574  12.294  1.00 16.74 ? 261  THR A OG1 1 
ATOM   538 C CG2 . THR A 1 67 ? -7.189  -0.721  14.599  1.00 16.39 ? 261  THR A CG2 1 
ATOM   539 N N   . THR A 1 68 ? -5.218  0.466   10.455  1.00 14.70 ? 262  THR A N   1 
ATOM   540 C CA  . THR A 1 68 ? -4.490  0.318   9.209   1.00 14.37 ? 262  THR A CA  1 
ATOM   541 C C   . THR A 1 68 ? -3.037  0.704   9.466   1.00 14.33 ? 262  THR A C   1 
ATOM   542 O O   . THR A 1 68 ? -2.128  -0.027  9.073   1.00 14.35 ? 262  THR A O   1 
ATOM   543 C CB  . THR A 1 68 ? -5.107  1.164   8.073   1.00 14.30 ? 262  THR A CB  1 
ATOM   544 O OG1 . THR A 1 68 ? -6.330  0.558   7.638   1.00 13.99 ? 262  THR A OG1 1 
ATOM   545 C CG2 . THR A 1 68 ? -4.169  1.261   6.884   1.00 14.49 ? 262  THR A CG2 1 
ATOM   546 N N   . MET A 1 69 ? -2.821  1.840   10.139  1.00 14.18 ? 263  MET A N   1 
ATOM   547 C CA  . MET A 1 69 ? -1.465  2.267   10.500  1.00 14.28 ? 263  MET A CA  1 
ATOM   548 C C   . MET A 1 69 ? -0.764  1.236   11.394  1.00 14.05 ? 263  MET A C   1 
ATOM   549 O O   . MET A 1 69 ? 0.402   0.910   11.166  1.00 14.14 ? 263  MET A O   1 
ATOM   550 C CB  . MET A 1 69 ? -1.470  3.641   11.170  1.00 14.22 ? 263  MET A CB  1 
ATOM   551 C CG  . MET A 1 69 ? -0.077  4.219   11.409  1.00 14.37 ? 263  MET A CG  1 
ATOM   552 S SD  . MET A 1 69 ? 0.811   4.675   9.907   1.00 14.31 ? 263  MET A SD  1 
ATOM   553 C CE  . MET A 1 69 ? 2.073   3.421   9.769   1.00 14.39 ? 263  MET A CE  1 
ATOM   554 N N   . GLN A 1 70 ? -1.473  0.695   12.375  1.00 14.06 ? 264  GLN A N   1 
ATOM   555 C CA  . GLN A 1 70 ? -0.903  -0.350  13.218  1.00 14.40 ? 264  GLN A CA  1 
ATOM   556 C C   . GLN A 1 70 ? -0.451  -1.568  12.406  1.00 14.40 ? 264  GLN A C   1 
ATOM   557 O O   . GLN A 1 70 ? 0.636   -2.109  12.643  1.00 14.69 ? 264  GLN A O   1 
ATOM   558 C CB  . GLN A 1 70 ? -1.885  -0.769  14.321  1.00 14.75 ? 264  GLN A CB  1 
ATOM   559 C CG  . GLN A 1 70 ? -1.271  -1.680  15.382  1.00 14.92 ? 264  GLN A CG  1 
ATOM   560 C CD  . GLN A 1 70 ? -0.069  -1.042  16.055  1.00 15.11 ? 264  GLN A CD  1 
ATOM   561 O OE1 . GLN A 1 70 ? -0.213  -0.105  16.847  1.00 15.64 ? 264  GLN A OE1 1 
ATOM   562 N NE2 . GLN A 1 70 ? 1.124   -1.527  15.727  1.00 14.70 ? 264  GLN A NE2 1 
ATOM   563 N N   . ALA A 1 71 ? -1.290  -1.984  11.453  1.00 14.42 ? 265  ALA A N   1 
ATOM   564 C CA  . ALA A 1 71 ? -0.993  -3.102  10.560  1.00 14.25 ? 265  ALA A CA  1 
ATOM   565 C C   . ALA A 1 71 ? 0.266   -2.869  9.720   1.00 14.28 ? 265  ALA A C   1 
ATOM   566 O O   . ALA A 1 71 ? 1.064   -3.796  9.515   1.00 14.16 ? 265  ALA A O   1 
ATOM   567 C CB  . ALA A 1 71 ? -2.189  -3.398  9.662   1.00 14.23 ? 265  ALA A CB  1 
ATOM   568 N N   . VAL A 1 72 ? 0.454   -1.640  9.243   1.00 14.28 ? 266  VAL A N   1 
ATOM   569 C CA  . VAL A 1 72 ? 1.657   -1.299  8.497   1.00 14.47 ? 266  VAL A CA  1 
ATOM   570 C C   . VAL A 1 72 ? 2.893   -1.382  9.387   1.00 14.76 ? 266  VAL A C   1 
ATOM   571 O O   . VAL A 1 72 ? 3.887   -1.977  8.987   1.00 14.65 ? 266  VAL A O   1 
ATOM   572 C CB  . VAL A 1 72 ? 1.555   0.101   7.831   1.00 14.67 ? 266  VAL A CB  1 
ATOM   573 C CG1 . VAL A 1 72 ? 2.904   0.558   7.274   1.00 14.67 ? 266  VAL A CG1 1 
ATOM   574 C CG2 . VAL A 1 72 ? 0.515   0.077   6.725   1.00 14.48 ? 266  VAL A CG2 1 
ATOM   575 N N   . LEU A 1 73 ? 2.835   -0.772  10.573  1.00 15.39 ? 267  LEU A N   1 
ATOM   576 C CA  . LEU A 1 73 ? 3.928   -0.850  11.555  1.00 15.76 ? 267  LEU A CA  1 
ATOM   577 C C   . LEU A 1 73 ? 4.279   -2.286  11.946  1.00 16.44 ? 267  LEU A C   1 
ATOM   578 O O   . LEU A 1 73 ? 5.451   -2.626  12.086  1.00 16.50 ? 267  LEU A O   1 
ATOM   579 C CB  . LEU A 1 73 ? 3.572   -0.069  12.825  1.00 15.83 ? 267  LEU A CB  1 
ATOM   580 C CG  . LEU A 1 73 ? 3.471   1.453   12.746  1.00 15.65 ? 267  LEU A CG  1 
ATOM   581 C CD1 . LEU A 1 73 ? 3.256   2.012   14.145  1.00 15.81 ? 267  LEU A CD1 1 
ATOM   582 C CD2 . LEU A 1 73 ? 4.714   2.057   12.093  1.00 15.68 ? 267  LEU A CD2 1 
ATOM   583 N N   . ASP A 1 74 ? 3.255   -3.118  12.131  1.00 17.38 ? 268  ASP A N   1 
ATOM   584 C CA  . ASP A 1 74 ? 3.452   -4.536  12.405  1.00 18.26 ? 268  ASP A CA  1 
ATOM   585 C C   . ASP A 1 74 ? 4.219   -5.166  11.254  1.00 18.90 ? 268  ASP A C   1 
ATOM   586 O O   . ASP A 1 74 ? 5.195   -5.881  11.468  1.00 19.04 ? 268  ASP A O   1 
ATOM   587 C CB  . ASP A 1 74 ? 2.119   -5.274  12.558  1.00 18.65 ? 268  ASP A CB  1 
ATOM   588 C CG  . ASP A 1 74 ? 1.357   -4.900  13.830  1.00 19.14 ? 268  ASP A CG  1 
ATOM   589 O OD1 . ASP A 1 74 ? 1.933   -4.306  14.771  1.00 18.34 ? 268  ASP A OD1 1 
ATOM   590 O OD2 . ASP A 1 74 ? 0.154   -5.229  13.880  1.00 19.85 ? 268  ASP A OD2 1 
ATOM   591 N N   . TYR A 1 75 ? 3.761   -4.899  10.036  1.00 19.57 ? 269  TYR A N   1 
ATOM   592 C CA  . TYR A 1 75 ? 4.402   -5.419  8.836   1.00 20.17 ? 269  TYR A CA  1 
ATOM   593 C C   . TYR A 1 75 ? 5.869   -4.986  8.751   1.00 20.11 ? 269  TYR A C   1 
ATOM   594 O O   . TYR A 1 75 ? 6.752   -5.807  8.481   1.00 19.49 ? 269  TYR A O   1 
ATOM   595 C CB  . TYR A 1 75 ? 3.650   -4.955  7.594   1.00 20.98 ? 269  TYR A CB  1 
ATOM   596 C CG  . TYR A 1 75 ? 4.165   -5.578  6.335   1.00 21.78 ? 269  TYR A CG  1 
ATOM   597 C CD1 . TYR A 1 75 ? 3.656   -6.788  5.877   1.00 22.30 ? 269  TYR A CD1 1 
ATOM   598 C CD2 . TYR A 1 75 ? 5.179   -4.977  5.616   1.00 21.97 ? 269  TYR A CD2 1 
ATOM   599 C CE1 . TYR A 1 75 ? 4.140   -7.367  4.722   1.00 23.16 ? 269  TYR A CE1 1 
ATOM   600 C CE2 . TYR A 1 75 ? 5.668   -5.547  4.463   1.00 23.00 ? 269  TYR A CE2 1 
ATOM   601 C CZ  . TYR A 1 75 ? 5.144   -6.736  4.021   1.00 23.23 ? 269  TYR A CZ  1 
ATOM   602 O OH  . TYR A 1 75 ? 5.641   -7.291  2.877   1.00 25.76 ? 269  TYR A OH  1 
ATOM   603 N N   . ILE A 1 76 ? 6.117   -3.703  8.989   1.00 19.77 ? 270  ILE A N   1 
ATOM   604 C CA  . ILE A 1 76 ? 7.477   -3.156  8.953   1.00 20.46 ? 270  ILE A CA  1 
ATOM   605 C C   . ILE A 1 76 ? 8.348   -3.815  10.024  1.00 21.69 ? 270  ILE A C   1 
ATOM   606 O O   . ILE A 1 76 ? 9.440   -4.298  9.730   1.00 21.24 ? 270  ILE A O   1 
ATOM   607 C CB  . ILE A 1 76 ? 7.472   -1.617  9.120   1.00 19.82 ? 270  ILE A CB  1 
ATOM   608 C CG1 . ILE A 1 76 ? 6.940   -0.958  7.843   1.00 19.79 ? 270  ILE A CG1 1 
ATOM   609 C CG2 . ILE A 1 76 ? 8.866   -1.081  9.440   1.00 20.05 ? 270  ILE A CG2 1 
ATOM   610 C CD1 . ILE A 1 76 ? 6.419   0.450   8.047   1.00 19.76 ? 270  ILE A CD1 1 
ATOM   611 N N   . LYS A 1 77 ? 7.853   -3.853  11.255  1.00 23.48 ? 271  LYS A N   1 
ATOM   612 C CA  . LYS A 1 77 ? 8.639   -4.365  12.382  1.00 25.71 ? 271  LYS A CA  1 
ATOM   613 C C   . LYS A 1 77 ? 9.000   -5.843  12.231  1.00 26.62 ? 271  LYS A C   1 
ATOM   614 O O   . LYS A 1 77 ? 10.048  -6.267  12.703  1.00 25.62 ? 271  LYS A O   1 
ATOM   615 C CB  . LYS A 1 77 ? 7.887   -4.159  13.697  1.00 26.97 ? 271  LYS A CB  1 
ATOM   616 C CG  . LYS A 1 77 ? 8.688   -4.478  14.952  1.00 28.21 ? 271  LYS A CG  1 
ATOM   617 C CD  . LYS A 1 77 ? 7.832   -4.233  16.185  1.00 29.54 ? 271  LYS A CD  1 
ATOM   618 C CE  . LYS A 1 77 ? 8.632   -4.370  17.478  1.00 30.36 ? 271  LYS A CE  1 
ATOM   619 N NZ  . LYS A 1 77 ? 7.770   -4.126  18.678  1.00 30.43 ? 271  LYS A NZ  1 
ATOM   620 N N   . ASN A 1 78 ? 8.139   -6.617  11.571  1.00 27.32 ? 272  ASN A N   1 
ATOM   621 C CA  . ASN A 1 78 ? 8.324   -8.057  11.502  1.00 29.69 ? 272  ASN A CA  1 
ATOM   622 C C   . ASN A 1 78 ? 9.034   -8.584  10.241  1.00 29.91 ? 272  ASN A C   1 
ATOM   623 O O   . ASN A 1 78 ? 9.287   -9.789  10.128  1.00 29.47 ? 272  ASN A O   1 
ATOM   624 C CB  . ASN A 1 78 ? 6.985   -8.763  11.730  1.00 31.84 ? 272  ASN A CB  1 
ATOM   625 C CG  . ASN A 1 78 ? 6.589   -8.794  13.207  1.00 35.13 ? 272  ASN A CG  1 
ATOM   626 O OD1 . ASN A 1 78 ? 6.097   -7.800  13.767  1.00 37.63 ? 272  ASN A OD1 1 
ATOM   627 N ND2 . ASN A 1 78 ? 6.817   -9.942  13.851  1.00 35.97 ? 272  ASN A ND2 1 
ATOM   628 N N   . LEU A 1 79 ? 9.366   -7.685  9.315   1.00 29.39 ? 273  LEU A N   1 
ATOM   629 C CA  . LEU A 1 79 ? 10.201  -8.034  8.156   1.00 29.98 ? 273  LEU A CA  1 
ATOM   630 C C   . LEU A 1 79 ? 11.591  -8.519  8.587   1.00 30.04 ? 273  LEU A C   1 
ATOM   631 O O   . LEU A 1 79 ? 12.200  -7.939  9.485   1.00 30.84 ? 273  LEU A O   1 
ATOM   632 C CB  . LEU A 1 79 ? 10.348  -6.839  7.203   1.00 29.44 ? 273  LEU A CB  1 
ATOM   633 C CG  . LEU A 1 79 ? 9.201   -6.560  6.228   1.00 29.38 ? 273  LEU A CG  1 
ATOM   634 C CD1 . LEU A 1 79 ? 9.497   -5.298  5.437   1.00 29.97 ? 273  LEU A CD1 1 
ATOM   635 C CD2 . LEU A 1 79 ? 8.962   -7.735  5.288   1.00 28.62 ? 273  LEU A CD2 1 
ATOM   636 N N   . LYS A 1 80 ? 12.072  -9.584  7.942   1.00 30.92 ? 274  LYS A N   1 
ATOM   637 C CA  . LYS A 1 80 ? 13.378  -10.186 8.246   1.00 32.17 ? 274  LYS A CA  1 
ATOM   638 C C   . LYS A 1 80 ? 14.357  -10.012 7.079   1.00 31.64 ? 274  LYS A C   1 
ATOM   639 O O   . LYS A 1 80 ? 13.975  -9.635  5.971   1.00 29.59 ? 274  LYS A O   1 
ATOM   640 C CB  . LYS A 1 80 ? 13.232  -11.687 8.551   1.00 33.14 ? 274  LYS A CB  1 
ATOM   641 C CG  . LYS A 1 80 ? 12.220  -12.043 9.634   1.00 34.37 ? 274  LYS A CG  1 
ATOM   642 C CD  . LYS A 1 80 ? 12.585  -11.468 10.990  1.00 34.90 ? 274  LYS A CD  1 
ATOM   643 C CE  . LYS A 1 80 ? 11.502  -11.774 12.014  1.00 36.09 ? 274  LYS A CE  1 
ATOM   644 N NZ  . LYS A 1 80 ? 11.859  -11.240 13.354  1.00 36.19 ? 274  LYS A NZ  1 
ATOM   645 O OXT . LYS A 1 80 ? 15.557  -10.262 7.225   1.00 30.67 ? 274  LYS A OXT 1 
HETATM 646 O O   . HOH B 2 .  ? -9.365  -7.028  -7.652  1.00 40.98 ? 2001 HOH A O   1 
HETATM 647 O O   . HOH B 2 .  ? -11.712 0.564   5.746   1.00 41.59 ? 2002 HOH A O   1 
HETATM 648 O O   . HOH B 2 .  ? -6.768  -8.916  -5.517  1.00 42.30 ? 2003 HOH A O   1 
HETATM 649 O O   . HOH B 2 .  ? -0.051  -10.632 -10.024 1.00 33.85 ? 2004 HOH A O   1 
HETATM 650 O O   . HOH B 2 .  ? 2.430   -12.779 -5.083  1.00 30.46 ? 2005 HOH A O   1 
HETATM 651 O O   . HOH B 2 .  ? -7.190  3.216   18.255  1.00 28.62 ? 2006 HOH A O   1 
HETATM 652 O O   . HOH B 2 .  ? 2.006   -3.844  18.712  0.50 36.18 ? 2007 HOH A O   1 
HETATM 653 O O   . HOH B 2 .  ? -0.354  -3.656  19.001  0.50 20.31 ? 2008 HOH A O   1 
HETATM 654 O O   . HOH B 2 .  ? 6.514   -10.290 5.371   1.00 46.22 ? 2009 HOH A O   1 
HETATM 655 O O   . HOH B 2 .  ? -7.354  0.054   18.422  1.00 32.03 ? 2010 HOH A O   1 
HETATM 656 O O   . HOH B 2 .  ? 7.337   1.886   -9.953  1.00 38.16 ? 2011 HOH A O   1 
HETATM 657 O O   . HOH B 2 .  ? 10.911  -0.321  -6.340  1.00 32.74 ? 2012 HOH A O   1 
HETATM 658 O O   . HOH B 2 .  ? 8.587   -6.249  -0.812  1.00 40.53 ? 2013 HOH A O   1 
HETATM 659 O O   . HOH B 2 .  ? 11.820  -1.022  -4.096  1.00 31.56 ? 2014 HOH A O   1 
HETATM 660 O O   . HOH B 2 .  ? -1.657  12.308  -3.186  1.00 18.57 ? 2015 HOH A O   1 
HETATM 661 O O   . HOH B 2 .  ? -6.434  3.664   1.140   1.00 13.87 ? 2016 HOH A O   1 
HETATM 662 O O   . HOH B 2 .  ? -7.337  7.225   3.113   1.00 15.48 ? 2017 HOH A O   1 
HETATM 663 O O   . HOH B 2 .  ? -9.372  6.655   -4.854  1.00 27.98 ? 2018 HOH A O   1 
HETATM 664 O O   . HOH B 2 .  ? -7.602  8.751   -4.061  1.00 28.39 ? 2019 HOH A O   1 
HETATM 665 O O   . HOH B 2 .  ? -6.860  12.443  -5.703  1.00 21.64 ? 2020 HOH A O   1 
HETATM 666 O O   . HOH B 2 .  ? -4.047  13.405  -1.669  1.00 25.41 ? 2021 HOH A O   1 
HETATM 667 O O   . HOH B 2 .  ? -4.065  12.322  0.441   1.00 26.93 ? 2022 HOH A O   1 
HETATM 668 O O   . HOH B 2 .  ? -9.062  10.056  5.427   1.00 21.52 ? 2023 HOH A O   1 
HETATM 669 O O   . HOH B 2 .  ? -4.510  5.086   7.832   1.00 14.70 ? 2024 HOH A O   1 
HETATM 670 O O   . HOH B 2 .  ? -7.731  2.610   6.789   1.00 21.14 ? 2025 HOH A O   1 
HETATM 671 O O   . HOH B 2 .  ? -10.087 3.917   3.305   1.00 50.14 ? 2026 HOH A O   1 
HETATM 672 O O   . HOH B 2 .  ? 0.777   11.733  4.413   1.00 20.98 ? 2027 HOH A O   1 
HETATM 673 O O   . HOH B 2 .  ? -2.418  13.893  6.154   1.00 24.42 ? 2028 HOH A O   1 
HETATM 674 O O   . HOH B 2 .  ? 6.267   9.092   -1.913  1.00 13.41 ? 2029 HOH A O   1 
HETATM 675 O O   . HOH B 2 .  ? 14.101  4.501   2.659   1.00 20.19 ? 2030 HOH A O   1 
HETATM 676 O O   . HOH B 2 .  ? 12.102  8.863   2.987   1.00 15.37 ? 2031 HOH A O   1 
HETATM 677 O O   . HOH B 2 .  ? 12.235  -4.397  9.312   1.00 26.68 ? 2032 HOH A O   1 
HETATM 678 O O   . HOH B 2 .  ? 14.776  0.594   -3.672  1.00 30.32 ? 2033 HOH A O   1 
HETATM 679 O O   . HOH B 2 .  ? -8.888  3.616   -9.804  1.00 40.22 ? 2034 HOH A O   1 
HETATM 680 O O   . HOH B 2 .  ? -4.517  3.448   -9.790  1.00 18.84 ? 2035 HOH A O   1 
HETATM 681 O O   . HOH B 2 .  ? -4.801  0.199   -7.423  1.00 14.47 ? 2036 HOH A O   1 
HETATM 682 O O   . HOH B 2 .  ? -11.198 2.665   -6.390  1.00 40.59 ? 2037 HOH A O   1 
HETATM 683 O O   . HOH B 2 .  ? -5.454  2.594   -12.304 1.00 23.74 ? 2038 HOH A O   1 
HETATM 684 O O   . HOH B 2 .  ? -5.383  9.549   -14.100 1.00 16.94 ? 2039 HOH A O   1 
HETATM 685 O O   . HOH B 2 .  ? -7.585  1.017   -20.596 1.00 38.99 ? 2040 HOH A O   1 
HETATM 686 O O   . HOH B 2 .  ? 0.925   3.716   -16.478 1.00 18.11 ? 2041 HOH A O   1 
HETATM 687 O O   . HOH B 2 .  ? -2.288  -2.805  -16.736 1.00 26.75 ? 2042 HOH A O   1 
HETATM 688 O O   . HOH B 2 .  ? 2.064   -6.775  -11.741 1.00 27.77 ? 2043 HOH A O   1 
HETATM 689 O O   . HOH B 2 .  ? 5.234   -10.591 -6.015  1.00 40.64 ? 2044 HOH A O   1 
HETATM 690 O O   . HOH B 2 .  ? 3.989   -7.761  -1.932  1.00 41.92 ? 2045 HOH A O   1 
HETATM 691 O O   . HOH B 2 .  ? -8.863  0.247   6.151   1.00 30.22 ? 2046 HOH A O   1 
HETATM 692 O O   . HOH B 2 .  ? -10.517 -2.244  5.698   1.00 49.41 ? 2047 HOH A O   1 
HETATM 693 O O   . HOH B 2 .  ? -9.610  -4.716  4.540   1.00 38.03 ? 2048 HOH A O   1 
HETATM 694 O O   . HOH B 2 .  ? -10.344 -6.830  0.984   1.00 21.88 ? 2049 HOH A O   1 
HETATM 695 O O   . HOH B 2 .  ? -7.208  -6.047  -5.910  1.00 26.39 ? 2050 HOH A O   1 
HETATM 696 O O   . HOH B 2 .  ? -3.793  -10.597 -1.546  1.00 49.06 ? 2051 HOH A O   1 
HETATM 697 O O   . HOH B 2 .  ? -12.989 0.472   -7.866  1.00 50.70 ? 2052 HOH A O   1 
HETATM 698 O O   . HOH B 2 .  ? -10.429 -4.687  -8.625  1.00 50.73 ? 2053 HOH A O   1 
HETATM 699 O O   . HOH B 2 .  ? -10.952 4.475   0.611   1.00 29.04 ? 2054 HOH A O   1 
HETATM 700 O O   . HOH B 2 .  ? 1.383   -8.161  -9.599  1.00 32.92 ? 2055 HOH A O   1 
HETATM 701 O O   . HOH B 2 .  ? 1.000   -9.943  -6.858  1.00 40.25 ? 2056 HOH A O   1 
HETATM 702 O O   . HOH B 2 .  ? 4.071   -9.222  1.427   1.00 31.36 ? 2057 HOH A O   1 
HETATM 703 O O   . HOH B 2 .  ? -3.190  -9.309  1.027   1.00 35.29 ? 2058 HOH A O   1 
HETATM 704 O O   . HOH B 2 .  ? -4.806  -6.923  5.525   1.00 42.82 ? 2059 HOH A O   1 
HETATM 705 O O   . HOH B 2 .  ? -10.264 -4.670  8.319   1.00 46.14 ? 2060 HOH A O   1 
HETATM 706 O O   . HOH B 2 .  ? -8.313  -3.910  12.133  1.00 38.26 ? 2061 HOH A O   1 
HETATM 707 O O   . HOH B 2 .  ? -9.099  2.435   15.753  1.00 23.60 ? 2062 HOH A O   1 
HETATM 708 O O   . HOH B 2 .  ? -10.892 5.755   10.532  1.00 19.96 ? 2063 HOH A O   1 
HETATM 709 O O   . HOH B 2 .  ? -11.141 10.422  12.285  1.00 25.88 ? 2064 HOH A O   1 
HETATM 710 O O   . HOH B 2 .  ? -12.553 11.486  7.328   1.00 32.96 ? 2065 HOH A O   1 
HETATM 711 O O   . HOH B 2 .  ? -10.781 9.394   15.788  1.00 22.73 ? 2066 HOH A O   1 
HETATM 712 O O   . HOH B 2 .  ? 13.363  -0.456  -8.172  1.00 37.68 ? 2067 HOH A O   1 
HETATM 713 O O   . HOH B 2 .  ? 10.657  -6.321  1.264   1.00 32.10 ? 2068 HOH A O   1 
HETATM 714 O O   . HOH B 2 .  ? -4.427  -3.682  12.609  1.00 24.90 ? 2069 HOH A O   1 
HETATM 715 O O   . HOH B 2 .  ? -2.391  0.385   18.428  1.00 30.59 ? 2070 HOH A O   1 
HETATM 716 O O   . HOH B 2 .  ? 0.498   -4.903  16.897  1.00 19.10 ? 2071 HOH A O   1 
HETATM 717 O O   . HOH B 2 .  ? -1.978  -4.974  13.288  1.00 41.24 ? 2072 HOH A O   1 
HETATM 718 O O   . HOH B 2 .  ? 0.401   -6.429  9.032   1.00 19.81 ? 2073 HOH A O   1 
HETATM 719 O O   . HOH B 2 .  ? 7.472   -0.631  12.829  1.00 17.09 ? 2074 HOH A O   1 
HETATM 720 O O   . HOH B 2 .  ? 13.931  6.902   3.833   1.00 17.35 ? 2075 HOH A O   1 
HETATM 721 O O   . HOH B 2 .  ? 12.017  -1.023  10.685  1.00 30.08 ? 2076 HOH A O   1 
HETATM 722 O O   . HOH B 2 .  ? 3.623   -6.799  15.364  0.50 48.05 ? 2077 HOH A O   1 
HETATM 723 O O   . HOH B 2 .  ? 4.594   -3.959  15.656  1.00 29.72 ? 2078 HOH A O   1 
HETATM 724 O O   . HOH B 2 .  ? -0.928  -6.789  11.787  1.00 25.44 ? 2079 HOH A O   1 
HETATM 725 O O   . HOH B 2 .  ? 6.197   -8.624  7.765   1.00 23.99 ? 2080 HOH A O   1 
HETATM 726 O O   . HOH B 2 .  ? -8.124  3.765   -13.022 1.00 40.36 ? 2081 HOH A O   1 
HETATM 727 O O   . HOH B 2 .  ? -5.350  9.448   -16.961 1.00 38.06 ? 2082 HOH A O   1 
HETATM 728 O O   . HOH B 2 .  ? -3.704  -0.344  -18.021 1.00 43.63 ? 2083 HOH A O   1 
HETATM 729 O O   . HOH B 2 .  ? 4.132   -11.726 -2.389  1.00 61.68 ? 2084 HOH A O   1 
HETATM 730 O O   . HOH B 2 .  ? 11.234  -13.814 14.573  1.00 49.38 ? 2085 HOH A O   1 
HETATM 731 O O   . HOH B 2 .  ? 16.917  -10.580 9.584   1.00 22.20 ? 2086 HOH A O   1 
HETATM 732 O O   . HOH B 2 .  ? 16.218  -12.911 5.765   1.00 30.71 ? 2087 HOH A O   1 
# 
